data_4WCF
#
_entry.id   4WCF
#
_cell.length_a   74.728
_cell.length_b   90.206
_cell.length_c   82.779
_cell.angle_alpha   90.00
_cell.angle_beta   115.74
_cell.angle_gamma   90.00
#
_symmetry.space_group_name_H-M   'P 1 21 1'
#
loop_
_entity.id
_entity.type
_entity.pdbx_description
1 polymer 'Pteridine reductase'
2 polymer 'Pteridine reductase'
3 polymer 'Pteridine reductase'
4 non-polymer 'NADP NICOTINAMIDE-ADENINE-DINUCLEOTIDE PHOSPHATE'
5 non-polymer 3-(5-amino-1,3,4-thiadiazol-2-yl)pyridin-4-amine
6 non-polymer 'ACETATE ION'
7 non-polymer GLYCEROL
8 water water
#
loop_
_entity_poly.entity_id
_entity_poly.type
_entity_poly.pdbx_seq_one_letter_code
_entity_poly.pdbx_strand_id
1 'polypeptide(L)'
;MEAPAAVVTGAAKRIGRAIAVKLHQTGYRVVIHYHNSAEAAVSLADELNKERSNTAVV(CSX)QADLTNSNVLPASCEEI
INSCFRAFGRCDVLVNNASAFYPTPLVQGDHEDNSNGKTVETQVAELIGTNAIAPFLLTMSFAQRQKGTNPNCTSSNLSI
VNLCDAMVDQP(CSX)MAFSLYNMGKHALVGLTQSAALELAPYGIRVNGVAPGVSLLPVAMGEEEKDKWRRKVPLGRREA
SAEQIADAVIFLVSGSAQYITGSIIKVDGGLSLVHA
;
A,D
2 'polypeptide(L)'
;MEAPAAVVTGAAKRIGRAIAVKLHQTGYRVVIHYHNSAEAAVSLADELNKERSNTAVV(OCS)QADLTNSNVLPAS
(CSX)EEIINSCFRAFGRCDVLVNNASAFYPTPLVQGDHEDNSNGKTVETQVAELIGTNAIAPFLLTMSFAQRQKGTNPN
CTSSNLSIVNLCDAMVDQP(CSX)MAFSLYNMGKHALVGLTQSAALELAPYGIRVNGVAPGVSLLPVAMGEEEKDKWRRK
VPLGRREASAEQIADAVIFLVSGSAQYITGSIIKVDGGLSLVHA
;
B
3 'polypeptide(L)'
;MEAPAAVVTGAAKRIGRAIAVKLHQTGYRVVIHYHNSAEAAVSLADELNKERSNTAVV(OCS)QADLTNSNVLPASCEEI
INSCFRAFGRCDVLVNNASAFYPTPLVQGDHEDNSNGKTVETQVAELIGTNAIAPFLLTMSFAQRQKGTNPNCTSSNLSI
VNLCDAMVDQP(CSX)MAFSLYNMGKHALVGLTQSAALELAPYGIRVNGVAPGVSLLPVAMGEEEKDKWRRKVPLGRREA
SAEQIADAVIFLVSGSAQYITGSIIKVDGGLSLVHA
;
C
#
loop_
_chem_comp.id
_chem_comp.type
_chem_comp.name
_chem_comp.formula
3KN non-polymer 3-(5-amino-1,3,4-thiadiazol-2-yl)pyridin-4-amine 'C7 H7 N5 S'
ACT non-polymer 'ACETATE ION' 'C2 H3 O2 -1'
GOL non-polymer GLYCEROL 'C3 H8 O3'
NAP non-polymer 'NADP NICOTINAMIDE-ADENINE-DINUCLEOTIDE PHOSPHATE' 'C21 H28 N7 O17 P3'
#
# COMPACT_ATOMS: atom_id res chain seq x y z
N GLU A 2 -13.35 36.34 -14.03
CA GLU A 2 -12.98 36.24 -12.58
C GLU A 2 -13.23 34.82 -12.10
N ALA A 3 -14.41 34.29 -12.42
CA ALA A 3 -14.86 32.93 -12.10
C ALA A 3 -13.97 31.82 -12.74
N PRO A 4 -13.61 30.80 -11.94
CA PRO A 4 -12.74 29.79 -12.53
C PRO A 4 -13.57 28.82 -13.38
N ALA A 5 -12.89 27.94 -14.12
CA ALA A 5 -13.57 27.02 -15.02
C ALA A 5 -12.97 25.62 -14.87
N ALA A 6 -13.83 24.63 -15.01
CA ALA A 6 -13.43 23.25 -14.86
C ALA A 6 -14.00 22.44 -16.02
N VAL A 7 -13.20 21.48 -16.49
CA VAL A 7 -13.66 20.35 -17.32
C VAL A 7 -13.97 19.12 -16.47
N VAL A 8 -15.16 18.55 -16.67
CA VAL A 8 -15.56 17.32 -16.00
C VAL A 8 -15.95 16.32 -17.09
N THR A 9 -15.31 15.13 -17.10
CA THR A 9 -15.55 14.18 -18.16
C THR A 9 -16.69 13.26 -17.72
N GLY A 10 -17.40 12.71 -18.69
CA GLY A 10 -18.60 11.92 -18.41
C GLY A 10 -19.49 12.63 -17.41
N ALA A 11 -19.77 13.91 -17.63
CA ALA A 11 -20.47 14.74 -16.63
C ALA A 11 -22.02 14.78 -16.77
N ALA A 12 -22.59 13.99 -17.67
CA ALA A 12 -24.02 14.12 -17.97
C ALA A 12 -24.91 13.49 -16.92
N LYS A 13 -24.38 12.50 -16.21
CA LYS A 13 -25.19 11.73 -15.27
C LYS A 13 -24.37 11.37 -14.04
N ARG A 14 -25.08 10.93 -13.02
CA ARG A 14 -24.51 10.22 -11.90
C ARG A 14 -23.37 11.06 -11.30
N ILE A 15 -22.20 10.46 -11.09
CA ILE A 15 -21.19 11.13 -10.26
C ILE A 15 -20.58 12.33 -10.96
N GLY A 16 -20.38 12.23 -12.28
CA GLY A 16 -19.79 13.37 -13.02
C GLY A 16 -20.76 14.57 -12.99
N ARG A 17 -22.06 14.28 -13.09
CA ARG A 17 -23.09 15.32 -12.99
C ARG A 17 -23.04 15.97 -11.62
N ALA A 18 -23.11 15.15 -10.56
CA ALA A 18 -22.99 15.68 -9.18
C ALA A 18 -21.76 16.55 -9.00
N ILE A 19 -20.66 16.15 -9.61
CA ILE A 19 -19.41 16.90 -9.53
C ILE A 19 -19.57 18.24 -10.26
N ALA A 20 -20.09 18.22 -11.49
CA ALA A 20 -20.22 19.47 -12.22
C ALA A 20 -21.20 20.39 -11.50
N VAL A 21 -22.32 19.84 -11.00
CA VAL A 21 -23.29 20.60 -10.20
C VAL A 21 -22.65 21.26 -8.98
N LYS A 22 -21.89 20.48 -8.21
CA LYS A 22 -21.19 21.06 -7.05
C LYS A 22 -20.15 22.09 -7.42
N LEU A 23 -19.38 21.83 -8.46
CA LEU A 23 -18.37 22.83 -8.87
C LEU A 23 -19.11 24.11 -9.32
N HIS A 24 -20.27 23.91 -9.92
CA HIS A 24 -21.09 25.04 -10.38
C HIS A 24 -21.60 25.84 -9.15
N GLN A 25 -22.20 25.15 -8.18
CA GLN A 25 -22.63 25.77 -6.91
C GLN A 25 -21.51 26.50 -6.15
N THR A 26 -20.26 26.14 -6.41
CA THR A 26 -19.05 26.76 -5.80
C THR A 26 -18.60 27.95 -6.61
N GLY A 27 -19.30 28.20 -7.72
CA GLY A 27 -18.96 29.29 -8.61
C GLY A 27 -18.03 28.99 -9.79
N TYR A 28 -17.94 27.71 -10.19
CA TYR A 28 -17.13 27.39 -11.37
C TYR A 28 -18.02 27.49 -12.58
N ARG A 29 -17.43 27.96 -13.68
CA ARG A 29 -17.99 27.62 -15.01
C ARG A 29 -17.48 26.21 -15.41
N VAL A 30 -18.37 25.43 -16.01
CA VAL A 30 -18.11 24.03 -16.29
C VAL A 30 -18.33 23.62 -17.77
N VAL A 31 -17.38 22.84 -18.29
CA VAL A 31 -17.55 22.14 -19.55
C VAL A 31 -18.08 20.77 -19.16
N ILE A 32 -19.30 20.49 -19.59
CA ILE A 32 -19.87 19.17 -19.39
C ILE A 32 -19.47 18.23 -20.56
N HIS A 33 -18.44 17.39 -20.36
CA HIS A 33 -18.09 16.44 -21.40
C HIS A 33 -19.07 15.28 -21.34
N TYR A 34 -19.44 14.72 -22.48
CA TYR A 34 -20.29 13.49 -22.53
C TYR A 34 -19.94 12.71 -23.80
N HIS A 35 -20.46 11.51 -23.92
CA HIS A 35 -20.15 10.70 -25.08
C HIS A 35 -21.47 10.37 -25.82
N ASN A 36 -22.30 9.51 -25.24
CA ASN A 36 -23.63 9.17 -25.78
C ASN A 36 -24.82 9.93 -25.16
N SER A 37 -24.68 10.35 -23.91
CA SER A 37 -25.78 10.98 -23.17
C SER A 37 -26.06 12.43 -23.55
N ALA A 38 -26.38 12.59 -24.82
CA ALA A 38 -26.60 13.89 -25.45
C ALA A 38 -27.71 14.68 -24.75
N GLU A 39 -28.84 14.01 -24.52
CA GLU A 39 -30.02 14.70 -24.01
C GLU A 39 -29.76 15.13 -22.57
N ALA A 40 -29.23 14.20 -21.77
CA ALA A 40 -28.93 14.48 -20.36
C ALA A 40 -27.89 15.60 -20.19
N ALA A 41 -26.89 15.64 -21.07
CA ALA A 41 -25.84 16.66 -21.00
C ALA A 41 -26.37 18.08 -21.20
N VAL A 42 -27.25 18.21 -22.18
CA VAL A 42 -27.80 19.50 -22.59
C VAL A 42 -28.80 19.94 -21.51
N SER A 43 -29.63 18.98 -21.10
CA SER A 43 -30.57 19.22 -20.02
C SER A 43 -29.86 19.77 -18.78
N LEU A 44 -28.67 19.23 -18.49
CA LEU A 44 -27.90 19.69 -17.35
C LEU A 44 -27.35 21.10 -17.57
N ALA A 45 -26.80 21.35 -18.75
CA ALA A 45 -26.23 22.67 -19.05
C ALA A 45 -27.30 23.79 -19.03
N ASP A 46 -28.51 23.43 -19.46
CA ASP A 46 -29.69 24.33 -19.41
C ASP A 46 -29.94 24.74 -17.99
N GLU A 47 -30.22 23.74 -17.15
CA GLU A 47 -30.35 23.94 -15.70
C GLU A 47 -29.31 24.87 -15.12
N LEU A 48 -28.04 24.64 -15.44
CA LEU A 48 -26.96 25.41 -14.84
C LEU A 48 -27.01 26.80 -15.37
N ASN A 49 -27.23 26.90 -16.68
CA ASN A 49 -27.24 28.21 -17.34
C ASN A 49 -28.42 29.09 -16.92
N LYS A 50 -29.53 28.44 -16.56
CA LYS A 50 -30.68 29.11 -15.97
C LYS A 50 -30.38 29.64 -14.56
N GLU A 51 -29.38 29.07 -13.90
CA GLU A 51 -28.96 29.57 -12.60
C GLU A 51 -28.01 30.76 -12.77
N ARG A 52 -27.02 30.64 -13.64
CA ARG A 52 -26.25 31.79 -14.11
C ARG A 52 -26.00 31.55 -15.58
N SER A 53 -26.20 32.56 -16.42
CA SER A 53 -26.02 32.37 -17.85
C SER A 53 -24.56 32.45 -18.33
N ASN A 54 -24.30 31.74 -19.42
CA ASN A 54 -22.94 31.55 -19.98
C ASN A 54 -22.00 30.91 -18.94
N THR A 55 -22.52 29.96 -18.16
CA THR A 55 -21.63 29.28 -17.20
C THR A 55 -21.48 27.76 -17.47
N ALA A 56 -22.15 27.25 -18.48
CA ALA A 56 -22.07 25.82 -18.84
C ALA A 56 -22.03 25.64 -20.37
N VAL A 57 -21.08 24.84 -20.86
CA VAL A 57 -21.13 24.31 -22.25
C VAL A 57 -21.06 22.78 -22.21
N VAL A 58 -21.53 22.13 -23.26
CA VAL A 58 -21.34 20.70 -23.36
C VAL A 58 -20.21 20.47 -24.35
N CSX A 59 -19.65 19.25 -24.38
CA CSX A 59 -18.57 18.86 -25.34
CB CSX A 59 -17.19 19.26 -24.83
SG CSX A 59 -15.91 18.54 -25.74
C CSX A 59 -18.63 17.35 -25.55
O CSX A 59 -18.34 16.57 -24.63
OD CSX A 59 -15.40 19.56 -26.74
N GLN A 60 -19.04 16.92 -26.75
CA GLN A 60 -19.14 15.50 -27.03
CA GLN A 60 -19.16 15.50 -27.06
C GLN A 60 -17.79 14.94 -27.46
N ALA A 61 -17.44 13.77 -26.92
CA ALA A 61 -16.22 13.08 -27.33
C ALA A 61 -16.16 11.64 -26.84
N ASP A 62 -15.65 10.77 -27.72
CA ASP A 62 -15.38 9.39 -27.41
C ASP A 62 -13.99 9.37 -26.82
N LEU A 63 -13.83 8.69 -25.69
CA LEU A 63 -12.54 8.64 -25.01
C LEU A 63 -11.90 7.29 -25.10
N THR A 64 -12.41 6.45 -26.00
CA THR A 64 -11.77 5.21 -26.38
C THR A 64 -10.37 5.53 -26.93
N ASN A 65 -9.37 4.70 -26.66
CA ASN A 65 -8.05 4.93 -27.25
C ASN A 65 -8.05 4.72 -28.78
N SER A 66 -7.37 5.60 -29.51
CA SER A 66 -7.20 5.48 -30.95
C SER A 66 -6.17 6.50 -31.30
N ASN A 67 -5.81 6.50 -32.57
CA ASN A 67 -4.82 7.44 -33.04
C ASN A 67 -5.34 8.89 -33.02
N VAL A 68 -6.66 9.07 -32.90
CA VAL A 68 -7.22 10.44 -32.75
C VAL A 68 -7.60 10.83 -31.30
N LEU A 69 -7.34 9.98 -30.32
CA LEU A 69 -7.63 10.34 -28.92
C LEU A 69 -6.83 11.58 -28.53
N PRO A 70 -5.55 11.65 -28.89
CA PRO A 70 -4.86 12.89 -28.49
C PRO A 70 -5.53 14.18 -28.99
N ALA A 71 -5.98 14.18 -30.24
CA ALA A 71 -6.73 15.31 -30.73
C ALA A 71 -8.01 15.57 -29.97
N SER A 72 -8.79 14.53 -29.69
CA SER A 72 -10.03 14.78 -28.97
C SER A 72 -9.77 15.38 -27.59
N CYS A 73 -8.73 14.90 -26.91
CA CYS A 73 -8.43 15.38 -25.55
C CYS A 73 -7.92 16.82 -25.62
N GLU A 74 -7.08 17.10 -26.62
CA GLU A 74 -6.65 18.46 -26.82
C GLU A 74 -7.88 19.38 -27.07
N GLU A 75 -8.88 18.87 -27.79
CA GLU A 75 -10.04 19.66 -28.12
C GLU A 75 -10.92 19.90 -26.89
N ILE A 76 -11.07 18.88 -26.04
CA ILE A 76 -11.80 19.04 -24.76
C ILE A 76 -11.22 20.21 -23.96
N ILE A 77 -9.92 20.22 -23.81
CA ILE A 77 -9.31 21.27 -23.06
C ILE A 77 -9.55 22.60 -23.79
N ASN A 78 -9.44 22.58 -25.14
CA ASN A 78 -9.68 23.80 -25.90
C ASN A 78 -11.06 24.33 -25.72
N SER A 79 -12.04 23.44 -25.61
CA SER A 79 -13.41 23.80 -25.34
C SER A 79 -13.50 24.79 -24.20
N CYS A 80 -12.67 24.54 -23.18
CA CYS A 80 -12.86 25.23 -21.94
C CYS A 80 -12.26 26.60 -22.08
N PHE A 81 -11.05 26.67 -22.64
CA PHE A 81 -10.46 27.96 -22.95
C PHE A 81 -11.34 28.79 -23.93
N ARG A 82 -12.06 28.13 -24.84
CA ARG A 82 -12.77 28.88 -25.87
C ARG A 82 -14.04 29.45 -25.29
N ALA A 83 -14.67 28.66 -24.43
CA ALA A 83 -15.85 29.09 -23.76
C ALA A 83 -15.54 30.08 -22.63
N PHE A 84 -14.48 29.85 -21.86
CA PHE A 84 -14.34 30.60 -20.60
C PHE A 84 -13.04 31.36 -20.42
N GLY A 85 -12.09 31.19 -21.34
CA GLY A 85 -10.87 31.99 -21.30
C GLY A 85 -9.83 31.44 -20.36
N ARG A 86 -10.15 30.30 -19.76
CA ARG A 86 -9.29 29.72 -18.74
C ARG A 86 -9.69 28.26 -18.50
N CYS A 87 -8.77 27.48 -17.93
CA CYS A 87 -9.08 26.13 -17.46
C CYS A 87 -8.37 25.88 -16.13
N ASP A 88 -9.17 25.86 -15.05
CA ASP A 88 -8.58 25.78 -13.71
C ASP A 88 -8.49 24.37 -13.15
N VAL A 89 -9.51 23.57 -13.44
CA VAL A 89 -9.66 22.24 -12.87
C VAL A 89 -10.04 21.24 -13.98
N LEU A 90 -9.47 20.04 -13.89
CA LEU A 90 -9.84 18.90 -14.73
C LEU A 90 -10.23 17.78 -13.80
N VAL A 91 -11.44 17.27 -13.99
CA VAL A 91 -11.88 16.07 -13.28
C VAL A 91 -11.99 14.96 -14.33
N ASN A 92 -11.14 13.94 -14.18
CA ASN A 92 -11.18 12.73 -14.99
C ASN A 92 -12.15 11.72 -14.37
N ASN A 93 -13.40 11.78 -14.81
CA ASN A 93 -14.49 10.98 -14.27
C ASN A 93 -14.99 9.89 -15.23
N ALA A 94 -15.02 10.19 -16.53
CA ALA A 94 -15.53 9.23 -17.53
C ALA A 94 -14.78 7.90 -17.42
N SER A 95 -15.53 6.79 -17.51
CA SER A 95 -14.99 5.50 -17.23
C SER A 95 -15.86 4.40 -17.83
N ALA A 96 -15.27 3.53 -18.64
CA ALA A 96 -15.96 2.29 -19.06
C ALA A 96 -15.77 1.21 -17.99
N PHE A 97 -16.80 0.39 -17.78
CA PHE A 97 -16.76 -0.61 -16.73
C PHE A 97 -17.59 -1.83 -17.14
N TYR A 98 -16.92 -2.96 -17.37
CA TYR A 98 -17.60 -4.23 -17.69
C TYR A 98 -16.55 -5.35 -17.65
N PRO A 99 -17.00 -6.60 -17.45
CA PRO A 99 -16.06 -7.74 -17.34
C PRO A 99 -15.25 -8.06 -18.60
N THR A 100 -14.04 -8.57 -18.44
CA THR A 100 -13.20 -9.08 -19.53
C THR A 100 -12.55 -10.34 -18.99
N PRO A 101 -13.33 -11.45 -18.91
CA PRO A 101 -12.84 -12.72 -18.32
C PRO A 101 -11.54 -13.18 -19.00
N LEU A 102 -10.63 -13.75 -18.23
CA LEU A 102 -9.38 -14.23 -18.83
C LEU A 102 -9.56 -15.58 -19.52
N VAL A 103 -10.60 -16.32 -19.10
CA VAL A 103 -10.85 -17.68 -19.61
C VAL A 103 -12.24 -17.75 -20.22
N GLY A 113 -19.97 -9.93 -28.88
CA GLY A 113 -19.90 -8.50 -29.17
C GLY A 113 -18.49 -8.02 -29.46
N LYS A 114 -17.85 -7.40 -28.47
CA LYS A 114 -16.60 -6.65 -28.66
C LYS A 114 -15.36 -7.50 -28.80
N THR A 115 -14.47 -7.11 -29.70
CA THR A 115 -13.19 -7.77 -29.76
C THR A 115 -12.34 -7.32 -28.57
N VAL A 116 -11.32 -8.11 -28.27
CA VAL A 116 -10.41 -7.82 -27.18
C VAL A 116 -9.71 -6.46 -27.39
N GLU A 117 -9.34 -6.13 -28.63
CA GLU A 117 -8.68 -4.85 -28.85
C GLU A 117 -9.64 -3.69 -28.64
N THR A 118 -10.94 -3.91 -28.88
CA THR A 118 -11.94 -2.89 -28.51
C THR A 118 -12.08 -2.77 -26.99
N GLN A 119 -12.02 -3.90 -26.29
CA GLN A 119 -12.05 -3.82 -24.84
C GLN A 119 -10.80 -3.12 -24.28
N VAL A 120 -9.62 -3.45 -24.78
CA VAL A 120 -8.41 -2.74 -24.34
C VAL A 120 -8.61 -1.23 -24.55
N ALA A 121 -9.01 -0.86 -25.76
CA ALA A 121 -9.19 0.53 -26.13
C ALA A 121 -10.23 1.28 -25.29
N GLU A 122 -11.34 0.66 -24.94
CA GLU A 122 -12.36 1.33 -24.15
C GLU A 122 -11.99 1.37 -22.66
N LEU A 123 -11.56 0.23 -22.11
CA LEU A 123 -11.28 0.17 -20.66
C LEU A 123 -9.96 0.85 -20.28
N ILE A 124 -8.90 0.64 -21.06
CA ILE A 124 -7.67 1.39 -20.80
C ILE A 124 -7.73 2.83 -21.28
N GLY A 125 -8.41 3.08 -22.41
CA GLY A 125 -8.47 4.44 -22.97
C GLY A 125 -9.23 5.38 -22.05
N THR A 126 -10.42 4.99 -21.63
CA THR A 126 -11.24 5.91 -20.84
C THR A 126 -10.67 6.05 -19.45
N ASN A 127 -10.23 4.92 -18.88
CA ASN A 127 -9.80 4.94 -17.47
C ASN A 127 -8.35 5.43 -17.27
N ALA A 128 -7.53 5.40 -18.31
CA ALA A 128 -6.10 5.81 -18.15
C ALA A 128 -5.47 6.62 -19.23
N ILE A 129 -5.65 6.23 -20.49
CA ILE A 129 -4.97 6.92 -21.58
CA ILE A 129 -4.95 6.96 -21.55
C ILE A 129 -5.57 8.34 -21.76
N ALA A 130 -6.88 8.43 -21.80
CA ALA A 130 -7.52 9.75 -21.97
C ALA A 130 -7.14 10.66 -20.77
N PRO A 131 -7.21 10.14 -19.51
CA PRO A 131 -6.72 10.98 -18.41
C PRO A 131 -5.29 11.49 -18.60
N PHE A 132 -4.40 10.66 -19.15
CA PHE A 132 -2.99 11.05 -19.36
C PHE A 132 -2.93 12.12 -20.42
N LEU A 133 -3.73 11.95 -21.48
CA LEU A 133 -3.71 12.92 -22.61
C LEU A 133 -4.32 14.24 -22.17
N LEU A 134 -5.46 14.15 -21.48
CA LEU A 134 -6.10 15.35 -20.94
C LEU A 134 -5.22 16.12 -19.99
N THR A 135 -4.42 15.40 -19.19
CA THR A 135 -3.54 15.98 -18.20
C THR A 135 -2.42 16.72 -18.94
N MET A 136 -1.89 16.07 -19.98
CA MET A 136 -0.85 16.65 -20.83
CA MET A 136 -0.86 16.62 -20.86
C MET A 136 -1.36 17.95 -21.49
N SER A 137 -2.55 17.93 -22.10
CA SER A 137 -3.11 19.17 -22.71
C SER A 137 -3.47 20.26 -21.71
N PHE A 138 -4.03 19.87 -20.57
CA PHE A 138 -4.35 20.81 -19.48
C PHE A 138 -3.07 21.51 -19.10
N ALA A 139 -1.99 20.75 -18.94
CA ALA A 139 -0.75 21.35 -18.44
C ALA A 139 -0.10 22.20 -19.53
N GLN A 140 -0.02 21.68 -20.75
CA GLN A 140 0.50 22.47 -21.88
C GLN A 140 -0.21 23.82 -22.08
N ARG A 141 -1.52 23.85 -21.97
CA ARG A 141 -2.23 25.15 -22.09
C ARG A 141 -1.97 26.18 -20.97
N GLN A 142 -1.45 25.77 -19.81
CA GLN A 142 -1.15 26.70 -18.70
C GLN A 142 0.26 27.28 -18.81
N SER A 152 -4.08 31.88 -8.37
CA SER A 152 -4.40 30.70 -9.19
C SER A 152 -4.35 29.40 -8.35
N ASN A 153 -5.36 28.58 -8.52
CA ASN A 153 -5.41 27.30 -7.83
C ASN A 153 -5.71 26.20 -8.85
N LEU A 154 -4.70 25.79 -9.60
CA LEU A 154 -4.86 24.77 -10.64
C LEU A 154 -4.78 23.34 -10.07
N SER A 155 -5.79 22.50 -10.33
CA SER A 155 -5.62 21.09 -9.97
C SER A 155 -6.36 20.10 -10.88
N ILE A 156 -5.93 18.82 -10.78
CA ILE A 156 -6.59 17.69 -11.42
C ILE A 156 -7.08 16.72 -10.36
N VAL A 157 -8.28 16.19 -10.56
CA VAL A 157 -8.79 15.15 -9.68
C VAL A 157 -9.16 13.95 -10.55
N ASN A 158 -8.59 12.78 -10.23
CA ASN A 158 -8.91 11.56 -10.96
C ASN A 158 -9.87 10.69 -10.17
N LEU A 159 -10.92 10.22 -10.81
CA LEU A 159 -11.83 9.28 -10.16
C LEU A 159 -11.25 7.88 -10.23
N CYS A 160 -10.81 7.38 -9.07
CA CYS A 160 -10.11 6.11 -8.97
C CYS A 160 -11.11 5.06 -8.46
N ASP A 161 -10.66 4.11 -7.64
CA ASP A 161 -11.51 3.03 -7.20
C ASP A 161 -10.90 2.45 -5.90
N ALA A 162 -11.65 2.55 -4.78
CA ALA A 162 -11.14 2.12 -3.48
C ALA A 162 -10.88 0.62 -3.44
N MET A 163 -11.45 -0.08 -4.41
CA MET A 163 -11.34 -1.52 -4.41
C MET A 163 -10.32 -2.09 -5.39
N VAL A 164 -9.33 -1.27 -5.81
CA VAL A 164 -8.35 -1.73 -6.80
C VAL A 164 -7.53 -2.93 -6.35
N ASP A 165 -7.32 -3.08 -5.04
CA ASP A 165 -6.48 -4.16 -4.54
C ASP A 165 -7.33 -5.37 -4.10
N GLN A 166 -8.63 -5.26 -4.25
CA GLN A 166 -9.50 -6.41 -3.96
C GLN A 166 -10.53 -6.44 -5.10
N PRO A 167 -10.07 -6.73 -6.33
CA PRO A 167 -10.88 -6.39 -7.51
C PRO A 167 -12.09 -7.32 -7.75
N CSX A 168 -13.03 -6.86 -8.56
CA CSX A 168 -14.18 -7.69 -9.00
CB CSX A 168 -15.14 -6.86 -9.85
SG CSX A 168 -15.93 -5.64 -8.93
C CSX A 168 -13.57 -8.80 -9.82
O CSX A 168 -12.62 -8.59 -10.58
OD CSX A 168 -16.97 -6.33 -8.09
N MET A 169 -14.08 -10.01 -9.66
CA MET A 169 -13.50 -11.11 -10.41
C MET A 169 -13.87 -10.97 -11.90
N ALA A 170 -12.94 -11.31 -12.79
CA ALA A 170 -13.13 -11.23 -14.26
C ALA A 170 -13.11 -9.78 -14.82
N PHE A 171 -12.58 -8.84 -14.04
CA PHE A 171 -12.50 -7.42 -14.47
C PHE A 171 -11.05 -6.97 -14.65
N SER A 172 -10.16 -7.84 -15.14
CA SER A 172 -8.75 -7.49 -15.22
CA SER A 172 -8.74 -7.50 -15.25
C SER A 172 -8.48 -6.17 -15.96
N LEU A 173 -9.10 -5.96 -17.12
CA LEU A 173 -8.78 -4.79 -17.91
C LEU A 173 -9.26 -3.52 -17.24
N TYR A 174 -10.46 -3.56 -16.68
CA TYR A 174 -10.89 -2.42 -15.87
C TYR A 174 -9.94 -2.16 -14.69
N ASN A 175 -9.49 -3.24 -14.04
CA ASN A 175 -8.67 -3.06 -12.86
C ASN A 175 -7.29 -2.51 -13.24
N MET A 176 -6.78 -2.99 -14.38
CA MET A 176 -5.52 -2.47 -14.94
C MET A 176 -5.60 -0.97 -15.22
N GLY A 177 -6.70 -0.54 -15.82
CA GLY A 177 -6.94 0.87 -16.15
C GLY A 177 -6.95 1.73 -14.89
N LYS A 178 -7.66 1.30 -13.85
CA LYS A 178 -7.72 2.03 -12.57
C LYS A 178 -6.36 2.07 -11.84
N HIS A 179 -5.59 0.98 -11.92
CA HIS A 179 -4.23 1.00 -11.36
C HIS A 179 -3.35 1.97 -12.12
N ALA A 180 -3.49 1.97 -13.44
CA ALA A 180 -2.71 2.89 -14.26
C ALA A 180 -3.03 4.32 -13.88
N LEU A 181 -4.28 4.53 -13.53
CA LEU A 181 -4.79 5.88 -13.16
C LEU A 181 -4.20 6.30 -11.80
N VAL A 182 -4.03 5.33 -10.89
CA VAL A 182 -3.22 5.58 -9.67
C VAL A 182 -1.79 5.98 -10.04
N GLY A 183 -1.10 5.24 -10.92
CA GLY A 183 0.25 5.69 -11.31
C GLY A 183 0.29 7.06 -12.00
N LEU A 184 -0.68 7.34 -12.86
CA LEU A 184 -0.78 8.66 -13.48
C LEU A 184 -0.92 9.72 -12.37
N THR A 185 -1.85 9.47 -11.44
CA THR A 185 -2.06 10.43 -10.33
C THR A 185 -0.72 10.78 -9.63
N GLN A 186 0.09 9.76 -9.35
CA GLN A 186 1.34 9.97 -8.64
C GLN A 186 2.40 10.61 -9.52
N SER A 187 2.58 10.06 -10.72
CA SER A 187 3.53 10.59 -11.72
C SER A 187 3.21 12.02 -12.08
N ALA A 188 1.93 12.28 -12.35
CA ALA A 188 1.59 13.69 -12.69
C ALA A 188 1.70 14.66 -11.50
N ALA A 189 1.35 14.21 -10.28
CA ALA A 189 1.49 15.06 -9.10
C ALA A 189 2.95 15.48 -8.99
N LEU A 190 3.84 14.51 -9.10
CA LEU A 190 5.26 14.74 -9.05
C LEU A 190 5.79 15.68 -10.13
N GLU A 191 5.47 15.40 -11.40
CA GLU A 191 5.97 16.19 -12.53
C GLU A 191 5.36 17.59 -12.61
N LEU A 192 4.09 17.72 -12.32
CA LEU A 192 3.42 19.02 -12.44
C LEU A 192 3.46 19.92 -11.17
N ALA A 193 4.02 19.40 -10.08
CA ALA A 193 4.12 20.18 -8.86
C ALA A 193 4.89 21.46 -9.09
N PRO A 194 6.07 21.38 -9.77
CA PRO A 194 6.80 22.62 -10.07
C PRO A 194 5.97 23.67 -10.85
N TYR A 195 4.91 23.27 -11.55
CA TYR A 195 4.11 24.24 -12.28
C TYR A 195 2.90 24.69 -11.46
N GLY A 196 2.80 24.22 -10.21
CA GLY A 196 1.73 24.68 -9.38
C GLY A 196 0.44 23.95 -9.70
N ILE A 197 0.54 22.84 -10.45
CA ILE A 197 -0.67 22.04 -10.71
C ILE A 197 -0.71 20.85 -9.71
N ARG A 198 -1.76 20.76 -8.92
CA ARG A 198 -1.88 19.61 -8.01
C ARG A 198 -2.68 18.49 -8.68
N VAL A 199 -2.34 17.24 -8.31
CA VAL A 199 -3.00 16.08 -8.89
C VAL A 199 -3.35 15.09 -7.83
N ASN A 200 -4.64 14.81 -7.67
CA ASN A 200 -5.07 13.99 -6.57
C ASN A 200 -6.14 13.10 -7.08
N GLY A 201 -6.61 12.18 -6.24
CA GLY A 201 -7.68 11.31 -6.68
C GLY A 201 -8.74 11.15 -5.64
N VAL A 202 -9.89 10.63 -6.06
CA VAL A 202 -10.98 10.30 -5.15
C VAL A 202 -11.40 8.90 -5.50
N ALA A 203 -11.53 8.05 -4.48
CA ALA A 203 -11.73 6.64 -4.69
C ALA A 203 -13.02 6.12 -4.05
N PRO A 204 -14.10 6.07 -4.84
CA PRO A 204 -15.38 5.52 -4.32
C PRO A 204 -15.23 4.03 -4.12
N GLY A 205 -16.06 3.48 -3.23
CA GLY A 205 -16.22 2.04 -3.14
C GLY A 205 -17.43 1.65 -3.98
N VAL A 206 -18.59 1.55 -3.33
CA VAL A 206 -19.85 1.53 -4.07
C VAL A 206 -20.54 2.86 -3.90
N SER A 207 -20.92 3.43 -5.03
CA SER A 207 -21.68 4.64 -5.01
C SER A 207 -22.93 4.28 -5.79
N LEU A 208 -23.51 5.23 -6.52
CA LEU A 208 -24.61 4.93 -7.43
C LEU A 208 -24.29 3.67 -8.20
N LEU A 209 -25.14 2.67 -8.02
CA LEU A 209 -24.88 1.40 -8.65
C LEU A 209 -25.31 1.47 -10.13
N PRO A 210 -24.77 0.57 -10.99
CA PRO A 210 -25.20 0.59 -12.38
C PRO A 210 -26.73 0.47 -12.53
N VAL A 211 -27.27 1.23 -13.50
CA VAL A 211 -28.69 1.18 -13.87
C VAL A 211 -29.12 -0.26 -14.18
N ALA A 212 -28.23 -1.00 -14.86
CA ALA A 212 -28.44 -2.41 -15.20
C ALA A 212 -28.62 -3.35 -14.02
N MET A 213 -28.01 -3.02 -12.89
CA MET A 213 -27.99 -3.88 -11.70
C MET A 213 -29.39 -4.06 -11.09
N GLY A 214 -29.75 -5.31 -10.78
CA GLY A 214 -31.04 -5.59 -10.12
C GLY A 214 -30.96 -5.15 -8.67
N GLU A 215 -32.12 -4.87 -8.07
CA GLU A 215 -32.23 -4.48 -6.65
C GLU A 215 -31.60 -5.43 -5.61
N GLU A 216 -31.84 -6.74 -5.78
CA GLU A 216 -31.30 -7.74 -4.85
C GLU A 216 -29.76 -7.70 -4.85
N GLU A 217 -29.18 -7.60 -6.06
CA GLU A 217 -27.72 -7.57 -6.27
C GLU A 217 -27.13 -6.30 -5.64
N LYS A 218 -27.83 -5.18 -5.84
CA LYS A 218 -27.55 -3.90 -5.16
C LYS A 218 -27.48 -4.05 -3.63
N ASP A 219 -28.47 -4.70 -3.02
CA ASP A 219 -28.50 -4.84 -1.56
C ASP A 219 -27.41 -5.75 -1.01
N LYS A 220 -26.98 -6.71 -1.84
CA LYS A 220 -25.85 -7.57 -1.49
C LYS A 220 -24.64 -6.67 -1.22
N TRP A 221 -24.42 -5.70 -2.12
CA TRP A 221 -23.33 -4.78 -1.97
C TRP A 221 -23.52 -3.79 -0.84
N ARG A 222 -24.74 -3.28 -0.66
CA ARG A 222 -25.06 -2.35 0.42
C ARG A 222 -24.75 -2.93 1.78
N ARG A 223 -25.12 -4.20 1.96
CA ARG A 223 -24.88 -4.95 3.17
C ARG A 223 -23.42 -5.07 3.60
N LYS A 224 -22.49 -4.98 2.65
CA LYS A 224 -21.08 -5.18 3.00
C LYS A 224 -20.43 -3.91 3.60
N VAL A 225 -21.09 -2.77 3.47
CA VAL A 225 -20.54 -1.45 3.80
C VAL A 225 -20.71 -1.18 5.27
N PRO A 226 -19.59 -1.12 6.03
CA PRO A 226 -19.72 -0.94 7.49
C PRO A 226 -20.41 0.35 7.87
N LEU A 227 -20.13 1.44 7.16
CA LEU A 227 -20.69 2.73 7.54
C LEU A 227 -22.09 2.92 6.92
N GLY A 228 -23.11 2.36 7.58
CA GLY A 228 -24.49 2.60 7.22
C GLY A 228 -25.08 1.59 6.26
N ARG A 229 -24.32 0.58 5.86
CA ARG A 229 -24.84 -0.47 4.95
C ARG A 229 -25.56 0.15 3.77
N ARG A 230 -24.96 1.19 3.18
CA ARG A 230 -25.49 1.78 1.98
C ARG A 230 -24.33 2.30 1.10
N GLU A 231 -24.64 2.51 -0.18
CA GLU A 231 -23.71 3.09 -1.13
C GLU A 231 -23.57 4.57 -0.86
N ALA A 232 -22.44 5.17 -1.26
CA ALA A 232 -22.32 6.61 -1.29
C ALA A 232 -23.30 7.22 -2.33
N SER A 233 -23.86 8.37 -1.95
CA SER A 233 -24.55 9.25 -2.87
C SER A 233 -23.51 9.87 -3.79
N ALA A 234 -23.96 10.25 -4.98
CA ALA A 234 -23.12 10.94 -5.92
C ALA A 234 -22.62 12.21 -5.29
N GLU A 235 -23.45 12.84 -4.45
CA GLU A 235 -23.06 14.10 -3.79
C GLU A 235 -21.88 13.91 -2.82
N GLN A 236 -21.90 12.79 -2.10
CA GLN A 236 -20.80 12.46 -1.16
C GLN A 236 -19.44 12.28 -1.89
N ILE A 237 -19.47 11.66 -3.06
CA ILE A 237 -18.27 11.58 -3.92
C ILE A 237 -17.83 12.96 -4.32
N ALA A 238 -18.79 13.78 -4.80
CA ALA A 238 -18.52 15.16 -5.21
C ALA A 238 -17.90 16.03 -4.10
N ASP A 239 -18.43 15.91 -2.88
CA ASP A 239 -17.82 16.63 -1.74
C ASP A 239 -16.29 16.48 -1.66
N ALA A 240 -15.79 15.26 -1.85
CA ALA A 240 -14.33 15.01 -1.73
C ALA A 240 -13.56 15.68 -2.84
N VAL A 241 -14.15 15.66 -4.06
CA VAL A 241 -13.59 16.39 -5.22
C VAL A 241 -13.55 17.86 -4.92
N ILE A 242 -14.68 18.37 -4.40
CA ILE A 242 -14.79 19.80 -4.01
C ILE A 242 -13.71 20.20 -3.03
N PHE A 243 -13.51 19.36 -1.98
CA PHE A 243 -12.37 19.60 -1.09
C PHE A 243 -11.02 19.69 -1.80
N LEU A 244 -10.71 18.69 -2.64
CA LEU A 244 -9.38 18.62 -3.27
C LEU A 244 -9.07 19.80 -4.19
N VAL A 245 -10.11 20.34 -4.83
CA VAL A 245 -9.85 21.50 -5.70
C VAL A 245 -9.79 22.77 -4.87
N SER A 246 -10.37 22.72 -3.66
CA SER A 246 -10.46 23.93 -2.82
C SER A 246 -9.12 24.45 -2.33
N GLY A 247 -9.15 25.69 -1.84
CA GLY A 247 -7.99 26.28 -1.15
C GLY A 247 -7.63 25.59 0.18
N SER A 248 -8.54 24.78 0.73
CA SER A 248 -8.25 23.99 1.93
C SER A 248 -7.41 22.74 1.66
N ALA A 249 -7.03 22.52 0.39
CA ALA A 249 -6.21 21.38 -0.01
C ALA A 249 -4.97 21.86 -0.74
N GLN A 250 -4.60 23.12 -0.49
CA GLN A 250 -3.48 23.77 -1.19
C GLN A 250 -2.14 23.07 -1.11
N TYR A 251 -1.90 22.29 -0.07
CA TYR A 251 -0.63 21.54 0.05
C TYR A 251 -0.77 20.04 -0.31
N ILE A 252 -1.94 19.61 -0.71
CA ILE A 252 -2.19 18.20 -1.00
C ILE A 252 -1.97 17.91 -2.48
N THR A 253 -1.06 16.99 -2.78
CA THR A 253 -0.89 16.53 -4.15
C THR A 253 -0.34 15.11 -4.10
N GLY A 254 -0.82 14.26 -5.01
CA GLY A 254 -0.48 12.87 -4.99
C GLY A 254 -1.26 12.05 -3.99
N SER A 255 -2.35 12.57 -3.46
CA SER A 255 -3.17 11.85 -2.48
C SER A 255 -4.43 11.33 -3.11
N ILE A 256 -4.82 10.14 -2.71
CA ILE A 256 -6.04 9.58 -3.20
C ILE A 256 -6.90 9.33 -1.98
N ILE A 257 -8.05 9.97 -1.94
CA ILE A 257 -8.91 9.89 -0.79
C ILE A 257 -10.02 8.84 -1.04
N LYS A 258 -10.07 7.81 -0.21
CA LYS A 258 -11.14 6.80 -0.34
C LYS A 258 -12.39 7.44 0.21
N VAL A 259 -13.49 7.24 -0.48
CA VAL A 259 -14.81 7.66 -0.01
C VAL A 259 -15.67 6.42 -0.15
N ASP A 260 -15.49 5.48 0.78
CA ASP A 260 -16.03 4.14 0.61
C ASP A 260 -16.77 3.57 1.81
N GLY A 261 -17.05 4.42 2.79
CA GLY A 261 -17.71 3.99 4.06
C GLY A 261 -17.05 2.77 4.71
N GLY A 262 -15.76 2.57 4.45
CA GLY A 262 -15.04 1.45 5.11
C GLY A 262 -15.10 0.12 4.36
N LEU A 263 -15.67 0.12 3.16
CA LEU A 263 -15.78 -1.13 2.37
C LEU A 263 -14.46 -1.83 2.12
N SER A 264 -13.42 -1.08 1.75
CA SER A 264 -12.13 -1.69 1.46
C SER A 264 -11.45 -2.32 2.70
N LEU A 265 -11.93 -2.01 3.88
CA LEU A 265 -11.38 -2.63 5.11
C LEU A 265 -12.00 -4.00 5.45
N VAL A 266 -13.04 -4.40 4.73
CA VAL A 266 -13.79 -5.61 5.11
C VAL A 266 -13.16 -6.85 4.48
N HIS A 267 -12.75 -7.80 5.30
CA HIS A 267 -12.17 -9.04 4.73
C HIS A 267 -13.23 -9.94 4.05
N ALA A 268 -12.78 -10.87 3.23
CA ALA A 268 -13.70 -11.79 2.56
C ALA A 268 -14.59 -12.54 3.54
N GLU B 2 -26.57 24.81 20.29
CA GLU B 2 -25.97 23.58 20.90
C GLU B 2 -24.68 23.11 20.17
N ALA B 3 -23.55 23.72 20.54
CA ALA B 3 -22.29 23.51 19.86
C ALA B 3 -21.70 22.09 20.11
N PRO B 4 -21.11 21.47 19.06
CA PRO B 4 -20.37 20.21 19.26
C PRO B 4 -19.10 20.46 20.07
N ALA B 5 -18.46 19.37 20.54
CA ALA B 5 -17.24 19.50 21.35
C ALA B 5 -16.10 18.54 20.90
N ALA B 6 -14.86 19.02 20.96
CA ALA B 6 -13.72 18.26 20.46
C ALA B 6 -12.57 18.21 21.48
N VAL B 7 -11.93 17.04 21.60
CA VAL B 7 -10.69 16.89 22.35
C VAL B 7 -9.53 16.92 21.35
N VAL B 8 -8.54 17.77 21.59
CA VAL B 8 -7.34 17.72 20.76
C VAL B 8 -6.20 17.41 21.71
N THR B 9 -5.39 16.36 21.45
CA THR B 9 -4.29 16.07 22.35
C THR B 9 -3.06 16.83 21.87
N GLY B 10 -2.17 17.18 22.79
CA GLY B 10 -0.99 17.97 22.44
C GLY B 10 -1.46 19.24 21.70
N ALA B 11 -2.46 19.93 22.25
CA ALA B 11 -3.10 21.09 21.56
C ALA B 11 -2.44 22.42 21.86
N ALA B 12 -1.41 22.44 22.68
CA ALA B 12 -0.90 23.71 23.21
C ALA B 12 -0.12 24.47 22.16
N LYS B 13 0.50 23.74 21.23
CA LYS B 13 1.45 24.34 20.29
C LYS B 13 1.36 23.73 18.89
N ARG B 14 1.93 24.45 17.90
CA ARG B 14 2.19 23.95 16.56
C ARG B 14 0.92 23.38 15.91
N ILE B 15 0.96 22.12 15.52
CA ILE B 15 -0.13 21.59 14.75
C ILE B 15 -1.40 21.38 15.60
N GLY B 16 -1.27 20.85 16.81
CA GLY B 16 -2.48 20.65 17.64
C GLY B 16 -3.12 21.99 17.99
N ARG B 17 -2.29 23.04 18.17
CA ARG B 17 -2.82 24.40 18.38
C ARG B 17 -3.67 24.89 17.19
N ALA B 18 -3.12 24.77 15.99
CA ALA B 18 -3.83 25.15 14.75
C ALA B 18 -5.12 24.34 14.58
N ILE B 19 -5.08 23.05 14.89
CA ILE B 19 -6.31 22.22 14.88
C ILE B 19 -7.37 22.72 15.88
N ALA B 20 -6.96 22.96 17.13
CA ALA B 20 -7.91 23.41 18.12
C ALA B 20 -8.50 24.79 17.70
N VAL B 21 -7.66 25.70 17.20
CA VAL B 21 -8.12 27.01 16.73
C VAL B 21 -9.18 26.86 15.62
N LYS B 22 -8.89 26.00 14.63
CA LYS B 22 -9.76 25.90 13.47
C LYS B 22 -11.05 25.20 13.83
N LEU B 23 -10.97 24.22 14.75
CA LEU B 23 -12.17 23.55 15.23
C LEU B 23 -13.02 24.61 16.01
N HIS B 24 -12.35 25.45 16.78
CA HIS B 24 -13.04 26.48 17.57
C HIS B 24 -13.75 27.47 16.61
N GLN B 25 -13.02 27.97 15.62
CA GLN B 25 -13.57 28.81 14.53
C GLN B 25 -14.75 28.21 13.80
N THR B 26 -14.91 26.88 13.85
CA THR B 26 -15.94 26.16 13.09
C THR B 26 -17.17 26.00 13.95
N GLY B 27 -17.04 26.42 15.20
CA GLY B 27 -18.12 26.34 16.19
C GLY B 27 -17.95 25.27 17.26
N TYR B 28 -16.78 24.60 17.31
CA TYR B 28 -16.53 23.60 18.37
C TYR B 28 -16.12 24.25 19.67
N ARG B 29 -16.65 23.69 20.75
CA ARG B 29 -15.97 23.87 22.03
C ARG B 29 -14.82 22.86 22.13
N VAL B 30 -13.71 23.23 22.79
CA VAL B 30 -12.51 22.39 22.76
CA VAL B 30 -12.49 22.42 22.74
C VAL B 30 -11.90 22.06 24.13
N VAL B 31 -11.47 20.80 24.30
CA VAL B 31 -10.61 20.48 25.42
C VAL B 31 -9.18 20.52 24.85
N ILE B 32 -8.37 21.43 25.37
CA ILE B 32 -6.97 21.57 24.97
C ILE B 32 -6.13 20.68 25.90
N HIS B 33 -5.76 19.48 25.44
CA HIS B 33 -4.91 18.61 26.26
C HIS B 33 -3.45 19.07 26.11
N TYR B 34 -2.66 18.95 27.17
CA TYR B 34 -1.23 19.34 27.13
C TYR B 34 -0.46 18.50 28.14
N HIS B 35 0.86 18.49 28.03
CA HIS B 35 1.60 17.66 28.95
C HIS B 35 2.52 18.57 29.73
N ASN B 36 3.51 19.17 29.06
CA ASN B 36 4.43 20.12 29.69
C ASN B 36 4.10 21.59 29.38
N SER B 37 3.34 21.87 28.33
CA SER B 37 3.21 23.24 27.87
C SER B 37 1.99 23.97 28.51
N ALA B 38 1.93 24.03 29.86
CA ALA B 38 0.83 24.67 30.60
C ALA B 38 0.56 26.13 30.20
N GLU B 39 1.61 26.93 30.15
CA GLU B 39 1.46 28.33 29.85
C GLU B 39 0.84 28.51 28.44
N ALA B 40 1.33 27.75 27.46
CA ALA B 40 0.78 27.96 26.13
C ALA B 40 -0.64 27.40 26.06
N ALA B 41 -0.90 26.30 26.75
CA ALA B 41 -2.26 25.73 26.71
C ALA B 41 -3.33 26.71 27.30
N VAL B 42 -3.00 27.25 28.47
CA VAL B 42 -3.83 28.23 29.16
C VAL B 42 -4.02 29.48 28.32
N SER B 43 -2.92 29.98 27.77
CA SER B 43 -2.95 31.12 26.90
C SER B 43 -3.87 30.90 25.67
N LEU B 44 -3.81 29.71 25.07
CA LEU B 44 -4.74 29.42 23.98
C LEU B 44 -6.21 29.41 24.47
N ALA B 45 -6.44 28.78 25.61
CA ALA B 45 -7.81 28.67 26.18
C ALA B 45 -8.38 30.06 26.45
N ASP B 46 -7.53 30.98 26.91
CA ASP B 46 -7.95 32.35 27.24
C ASP B 46 -8.33 33.11 25.97
N GLU B 47 -7.42 33.15 24.98
CA GLU B 47 -7.71 33.62 23.63
C GLU B 47 -9.03 33.06 23.14
N LEU B 48 -9.16 31.74 23.09
CA LEU B 48 -10.41 31.16 22.58
C LEU B 48 -11.63 31.58 23.39
N ASN B 49 -11.52 31.60 24.71
CA ASN B 49 -12.63 32.05 25.56
C ASN B 49 -12.99 33.53 25.47
N LYS B 50 -12.01 34.40 25.16
CA LYS B 50 -12.27 35.78 24.76
C LYS B 50 -13.18 35.83 23.55
N GLU B 51 -12.93 34.95 22.59
CA GLU B 51 -13.70 34.95 21.38
C GLU B 51 -15.14 34.49 21.68
N ARG B 52 -15.28 33.48 22.53
CA ARG B 52 -16.60 32.95 22.91
C ARG B 52 -16.51 32.38 24.29
N SER B 53 -17.22 32.97 25.27
CA SER B 53 -17.19 32.49 26.65
C SER B 53 -17.46 31.03 26.82
N ASN B 54 -16.70 30.42 27.73
CA ASN B 54 -16.86 29.02 28.14
C ASN B 54 -16.87 28.03 26.99
N THR B 55 -15.94 28.20 26.07
CA THR B 55 -15.88 27.26 24.97
C THR B 55 -14.52 26.48 24.88
N ALA B 56 -13.57 26.76 25.79
CA ALA B 56 -12.25 26.11 25.85
C ALA B 56 -11.88 25.81 27.30
N VAL B 57 -11.40 24.59 27.55
CA VAL B 57 -10.82 24.20 28.84
C VAL B 57 -9.49 23.51 28.55
N VAL B 58 -8.60 23.49 29.53
CA VAL B 58 -7.36 22.73 29.41
C VAL B 58 -7.39 21.44 30.21
N OCS B 59 -6.55 20.47 29.84
CA OCS B 59 -6.47 19.21 30.57
CB OCS B 59 -7.55 18.28 30.01
SG OCS B 59 -7.65 16.88 30.91
C OCS B 59 -5.08 18.67 30.50
O OCS B 59 -4.60 18.37 29.42
OD1 OCS B 59 -8.83 16.10 30.68
OD2 OCS B 59 -6.47 16.16 30.58
OD3 OCS B 59 -7.76 17.13 32.55
N GLN B 60 -4.41 18.57 31.63
CA GLN B 60 -3.01 18.13 31.69
C GLN B 60 -2.97 16.61 31.86
N ALA B 61 -2.11 15.95 31.09
CA ALA B 61 -1.90 14.52 31.24
C ALA B 61 -0.69 14.11 30.47
N ASP B 62 0.04 13.17 31.07
CA ASP B 62 1.17 12.50 30.43
C ASP B 62 0.59 11.34 29.68
N LEU B 63 0.93 11.22 28.39
CA LEU B 63 0.40 10.13 27.57
C LEU B 63 1.41 8.98 27.35
N THR B 64 2.54 9.04 28.05
CA THR B 64 3.47 7.89 28.13
C THR B 64 2.73 6.63 28.61
N ASN B 65 2.97 5.48 28.00
CA ASN B 65 2.32 4.25 28.48
C ASN B 65 2.79 3.89 29.92
N SER B 66 1.83 3.46 30.75
CA SER B 66 2.05 3.02 32.13
C SER B 66 0.74 2.42 32.60
N ASN B 67 0.75 1.93 33.83
CA ASN B 67 -0.47 1.37 34.43
C ASN B 67 -1.54 2.45 34.62
N VAL B 68 -1.14 3.72 34.71
CA VAL B 68 -2.16 4.77 34.84
C VAL B 68 -2.66 5.40 33.52
N LEU B 69 -2.13 4.94 32.38
CA LEU B 69 -2.52 5.57 31.11
C LEU B 69 -4.00 5.37 30.84
N PRO B 70 -4.51 4.14 31.00
CA PRO B 70 -5.96 3.97 30.78
C PRO B 70 -6.86 4.97 31.55
N ALA B 71 -6.55 5.22 32.83
CA ALA B 71 -7.32 6.16 33.66
C ALA B 71 -7.09 7.59 33.15
N SER B 72 -5.84 7.93 32.84
CA SER B 72 -5.60 9.22 32.21
C SER B 72 -6.47 9.50 30.98
N CSX B 73 -6.51 8.53 30.05
CA CSX B 73 -7.26 8.68 28.81
CB CSX B 73 -6.96 7.50 27.90
SG CSX B 73 -5.36 7.54 27.28
C CSX B 73 -8.75 8.76 29.09
O CSX B 73 -9.48 9.53 28.48
OD CSX B 73 -4.55 8.71 27.65
N GLU B 74 -9.21 7.93 30.03
CA GLU B 74 -10.61 7.98 30.45
C GLU B 74 -10.97 9.37 31.01
N GLU B 75 -10.09 9.96 31.81
CA GLU B 75 -10.35 11.29 32.38
C GLU B 75 -10.36 12.39 31.30
N ILE B 76 -9.52 12.24 30.27
CA ILE B 76 -9.46 13.23 29.20
C ILE B 76 -10.81 13.26 28.50
N ILE B 77 -11.31 12.09 28.10
CA ILE B 77 -12.63 12.01 27.51
C ILE B 77 -13.65 12.56 28.51
N ASN B 78 -13.56 12.12 29.76
CA ASN B 78 -14.54 12.55 30.79
C ASN B 78 -14.59 14.06 30.94
N SER B 79 -13.42 14.71 30.89
CA SER B 79 -13.36 16.14 31.06
C SER B 79 -14.18 16.89 29.99
N CYS B 80 -14.17 16.37 28.74
CA CYS B 80 -14.97 16.97 27.68
C CYS B 80 -16.48 16.84 28.00
N PHE B 81 -16.95 15.67 28.42
CA PHE B 81 -18.38 15.53 28.80
C PHE B 81 -18.78 16.45 29.97
N ARG B 82 -17.90 16.58 30.97
CA ARG B 82 -18.16 17.42 32.13
C ARG B 82 -18.17 18.89 31.76
N ALA B 83 -17.28 19.28 30.88
CA ALA B 83 -17.15 20.70 30.57
C ALA B 83 -18.24 21.10 29.60
N PHE B 84 -18.63 20.21 28.69
CA PHE B 84 -19.48 20.57 27.58
C PHE B 84 -20.69 19.65 27.39
N GLY B 85 -20.82 18.59 28.16
CA GLY B 85 -22.04 17.75 28.05
C GLY B 85 -22.06 16.76 26.89
N ARG B 86 -21.00 16.81 26.08
CA ARG B 86 -20.90 15.92 24.91
C ARG B 86 -19.42 15.84 24.43
N CYS B 87 -19.15 14.89 23.54
CA CYS B 87 -17.82 14.75 22.91
C CYS B 87 -18.03 14.21 21.50
N ASP B 88 -17.91 15.10 20.53
CA ASP B 88 -18.21 14.73 19.14
C ASP B 88 -16.99 14.31 18.33
N VAL B 89 -15.85 14.91 18.68
CA VAL B 89 -14.59 14.78 17.93
C VAL B 89 -13.41 14.51 18.89
N LEU B 90 -12.59 13.51 18.54
CA LEU B 90 -11.31 13.27 19.16
C LEU B 90 -10.26 13.40 18.09
N VAL B 91 -9.27 14.25 18.38
CA VAL B 91 -8.08 14.38 17.54
C VAL B 91 -6.87 13.87 18.26
N ASN B 92 -6.33 12.74 17.79
CA ASN B 92 -5.10 12.17 18.37
C ASN B 92 -3.85 12.79 17.77
N ASN B 93 -3.37 13.85 18.40
CA ASN B 93 -2.29 14.65 17.81
C ASN B 93 -0.95 14.57 18.53
N ALA B 94 -0.98 14.45 19.87
CA ALA B 94 0.24 14.40 20.65
C ALA B 94 1.14 13.25 20.21
N SER B 95 2.44 13.55 20.13
CA SER B 95 3.37 12.65 19.57
C SER B 95 4.77 12.96 20.09
N ALA B 96 5.49 11.93 20.55
CA ALA B 96 6.93 12.01 20.83
C ALA B 96 7.65 11.53 19.56
N PHE B 97 8.87 12.01 19.35
CA PHE B 97 9.59 11.80 18.15
C PHE B 97 11.02 12.11 18.48
N TYR B 98 11.87 11.08 18.43
CA TYR B 98 13.32 11.19 18.62
C TYR B 98 13.90 9.86 18.16
N PRO B 99 15.22 9.81 17.87
CA PRO B 99 15.77 8.56 17.37
C PRO B 99 15.92 7.50 18.45
N THR B 100 15.85 6.21 18.07
CA THR B 100 16.09 5.05 18.94
C THR B 100 16.95 4.04 18.13
N PRO B 101 18.26 4.34 17.99
CA PRO B 101 19.07 3.49 17.10
C PRO B 101 19.10 2.05 17.52
N LEU B 102 19.22 1.16 16.55
CA LEU B 102 19.26 -0.25 16.84
C LEU B 102 20.63 -0.70 17.33
N VAL B 103 21.68 0.02 16.92
CA VAL B 103 23.06 -0.35 17.27
C VAL B 103 23.83 0.82 17.84
N GLY B 113 19.27 10.05 27.16
CA GLY B 113 19.71 8.97 28.03
C GLY B 113 18.60 8.31 28.84
N LYS B 114 17.53 7.90 28.14
CA LYS B 114 16.40 7.13 28.73
C LYS B 114 16.63 5.63 28.54
N THR B 115 16.10 4.78 29.40
CA THR B 115 16.15 3.37 29.13
C THR B 115 15.33 3.05 27.86
N VAL B 116 15.60 1.88 27.29
CA VAL B 116 14.85 1.43 26.11
C VAL B 116 13.37 1.34 26.48
N GLU B 117 13.05 0.87 27.68
CA GLU B 117 11.63 0.67 28.00
C GLU B 117 10.85 1.99 28.22
N THR B 118 11.56 3.05 28.60
CA THR B 118 11.03 4.40 28.63
C THR B 118 10.82 4.93 27.19
N GLN B 119 11.77 4.67 26.28
CA GLN B 119 11.58 5.03 24.84
C GLN B 119 10.33 4.32 24.30
N VAL B 120 10.18 3.07 24.67
CA VAL B 120 9.04 2.30 24.26
C VAL B 120 7.76 2.95 24.80
N ALA B 121 7.74 3.20 26.09
CA ALA B 121 6.60 3.84 26.73
C ALA B 121 6.18 5.16 26.07
N GLU B 122 7.16 5.99 25.71
CA GLU B 122 6.93 7.29 25.14
C GLU B 122 6.54 7.25 23.68
N LEU B 123 7.35 6.53 22.90
CA LEU B 123 7.17 6.44 21.47
C LEU B 123 5.98 5.56 21.07
N ILE B 124 5.77 4.43 21.75
CA ILE B 124 4.61 3.60 21.46
C ILE B 124 3.39 4.07 22.24
N GLY B 125 3.61 4.55 23.47
CA GLY B 125 2.49 5.13 24.26
C GLY B 125 1.76 6.28 23.61
N THR B 126 2.49 7.35 23.31
CA THR B 126 1.87 8.56 22.76
C THR B 126 1.33 8.33 21.38
N ASN B 127 2.14 7.68 20.52
CA ASN B 127 1.78 7.56 19.14
C ASN B 127 0.76 6.51 18.91
N ALA B 128 0.63 5.56 19.83
CA ALA B 128 -0.30 4.45 19.54
C ALA B 128 -1.21 3.98 20.64
N ILE B 129 -0.64 3.71 21.81
CA ILE B 129 -1.46 3.17 22.89
C ILE B 129 -2.46 4.21 23.46
N ALA B 130 -1.97 5.43 23.70
CA ALA B 130 -2.89 6.51 24.13
C ALA B 130 -4.00 6.75 23.07
N PRO B 131 -3.62 6.84 21.77
CA PRO B 131 -4.73 6.90 20.83
C PRO B 131 -5.76 5.74 20.96
N PHE B 132 -5.30 4.52 21.19
CA PHE B 132 -6.23 3.40 21.29
C PHE B 132 -7.11 3.50 22.54
N LEU B 133 -6.51 3.91 23.65
CA LEU B 133 -7.21 4.05 24.91
C LEU B 133 -8.24 5.22 24.86
N LEU B 134 -7.79 6.34 24.32
CA LEU B 134 -8.70 7.47 24.06
C LEU B 134 -9.89 7.08 23.15
N THR B 135 -9.61 6.31 22.10
CA THR B 135 -10.63 5.86 21.13
C THR B 135 -11.66 4.95 21.84
N MET B 136 -11.15 4.04 22.68
CA MET B 136 -12.01 3.16 23.49
CA MET B 136 -12.00 3.15 23.49
C MET B 136 -12.88 4.00 24.43
N SER B 137 -12.28 4.96 25.12
CA SER B 137 -13.05 5.80 26.05
C SER B 137 -14.08 6.64 25.30
N PHE B 138 -13.65 7.24 24.18
CA PHE B 138 -14.54 8.05 23.36
C PHE B 138 -15.77 7.21 22.98
N ALA B 139 -15.53 6.03 22.47
CA ALA B 139 -16.62 5.17 21.99
C ALA B 139 -17.51 4.63 23.12
N GLN B 140 -16.92 4.22 24.25
CA GLN B 140 -17.72 3.71 25.40
C GLN B 140 -18.69 4.81 25.84
N ARG B 141 -18.26 6.06 25.82
CA ARG B 141 -19.12 7.17 26.23
C ARG B 141 -20.22 7.57 25.22
N GLN B 142 -20.28 6.95 24.04
CA GLN B 142 -21.33 7.26 23.05
C GLN B 142 -22.36 6.13 22.98
N ASN B 153 -22.70 13.45 14.01
CA ASN B 153 -21.43 13.44 13.27
C ASN B 153 -20.22 13.24 14.17
N LEU B 154 -20.12 12.02 14.69
CA LEU B 154 -19.04 11.61 15.57
C LEU B 154 -17.86 11.11 14.74
N SER B 155 -16.67 11.65 15.01
CA SER B 155 -15.48 11.11 14.33
C SER B 155 -14.16 11.33 15.10
N ILE B 156 -13.15 10.53 14.70
CA ILE B 156 -11.80 10.61 15.24
C ILE B 156 -10.82 10.89 14.11
N VAL B 157 -9.85 11.76 14.36
CA VAL B 157 -8.82 11.99 13.37
C VAL B 157 -7.52 11.71 14.08
N ASN B 158 -6.74 10.78 13.52
CA ASN B 158 -5.36 10.49 14.00
C ASN B 158 -4.28 11.17 13.15
N LEU B 159 -3.32 11.80 13.78
CA LEU B 159 -2.19 12.38 13.06
C LEU B 159 -1.14 11.28 12.78
N CYS B 160 -1.08 10.87 11.52
CA CYS B 160 -0.23 9.75 11.11
C CYS B 160 1.01 10.43 10.51
N ASP B 161 1.67 9.79 9.55
CA ASP B 161 2.97 10.28 9.03
C ASP B 161 3.13 9.81 7.59
N ALA B 162 3.19 10.75 6.64
CA ALA B 162 3.27 10.39 5.22
C ALA B 162 4.50 9.58 4.84
N MET B 163 5.53 9.60 5.67
CA MET B 163 6.81 8.96 5.38
C MET B 163 7.02 7.59 6.05
N VAL B 164 5.91 6.98 6.47
CA VAL B 164 5.94 5.79 7.27
C VAL B 164 6.54 4.57 6.51
N ASP B 165 6.45 4.57 5.18
CA ASP B 165 7.11 3.53 4.39
C ASP B 165 8.49 3.92 3.88
N GLN B 166 8.91 5.17 4.11
CA GLN B 166 10.31 5.52 3.83
C GLN B 166 10.83 6.24 5.06
N PRO B 167 11.08 5.49 6.13
CA PRO B 167 11.28 6.12 7.45
C PRO B 167 12.65 6.83 7.61
N CSX B 168 12.76 7.73 8.58
CA CSX B 168 14.04 8.35 8.94
CB CSX B 168 13.76 9.43 9.99
SG CSX B 168 12.95 10.82 9.35
C CSX B 168 14.88 7.24 9.52
O CSX B 168 14.38 6.38 10.29
OD CSX B 168 14.05 11.72 8.84
N MET B 169 16.16 7.19 9.18
CA MET B 169 17.02 6.14 9.72
C MET B 169 17.17 6.24 11.24
N ALA B 170 17.25 5.11 11.94
CA ALA B 170 17.40 5.07 13.40
C ALA B 170 16.15 5.58 14.19
N PHE B 171 15.01 5.64 13.51
CA PHE B 171 13.72 5.94 14.16
C PHE B 171 12.76 4.73 14.24
N SER B 172 13.29 3.52 14.53
CA SER B 172 12.42 2.34 14.51
CA SER B 172 12.48 2.29 14.62
C SER B 172 11.19 2.41 15.43
N LEU B 173 11.35 2.89 16.65
CA LEU B 173 10.23 2.89 17.58
C LEU B 173 9.22 3.94 17.18
N TYR B 174 9.68 5.10 16.76
CA TYR B 174 8.74 6.13 16.27
C TYR B 174 7.95 5.52 15.10
N ASN B 175 8.69 4.88 14.18
CA ASN B 175 8.07 4.38 12.94
C ASN B 175 7.07 3.27 13.26
N MET B 176 7.46 2.41 14.20
CA MET B 176 6.58 1.38 14.73
C MET B 176 5.30 1.96 15.34
N GLY B 177 5.42 3.00 16.19
CA GLY B 177 4.23 3.70 16.73
C GLY B 177 3.31 4.24 15.64
N LYS B 178 3.87 4.88 14.64
CA LYS B 178 3.06 5.43 13.53
C LYS B 178 2.42 4.33 12.65
N HIS B 179 3.09 3.19 12.41
CA HIS B 179 2.43 2.09 11.71
C HIS B 179 1.28 1.57 12.55
N ALA B 180 1.50 1.46 13.85
CA ALA B 180 0.48 0.98 14.79
C ALA B 180 -0.75 1.85 14.73
N LEU B 181 -0.50 3.14 14.62
CA LEU B 181 -1.59 4.11 14.52
C LEU B 181 -2.41 3.97 13.24
N VAL B 182 -1.74 3.57 12.15
CA VAL B 182 -2.42 3.29 10.88
C VAL B 182 -3.34 2.10 11.13
N GLY B 183 -2.82 1.06 11.77
CA GLY B 183 -3.65 -0.11 12.09
C GLY B 183 -4.83 0.24 12.97
N LEU B 184 -4.60 1.07 13.96
CA LEU B 184 -5.70 1.53 14.79
C LEU B 184 -6.79 2.27 13.98
N THR B 185 -6.32 3.17 13.12
CA THR B 185 -7.22 3.95 12.24
C THR B 185 -8.12 3.02 11.47
N GLN B 186 -7.52 2.03 10.80
CA GLN B 186 -8.29 1.01 10.09
C GLN B 186 -9.17 0.16 10.99
N SER B 187 -8.58 -0.41 12.06
CA SER B 187 -9.35 -1.28 12.97
C SER B 187 -10.53 -0.55 13.64
N ALA B 188 -10.28 0.67 14.12
CA ALA B 188 -11.35 1.48 14.75
C ALA B 188 -12.40 1.91 13.73
N ALA B 189 -11.99 2.29 12.52
CA ALA B 189 -13.00 2.64 11.49
C ALA B 189 -13.96 1.45 11.27
N LEU B 190 -13.41 0.24 11.16
CA LEU B 190 -14.18 -0.93 10.91
C LEU B 190 -15.15 -1.20 12.05
N GLU B 191 -14.62 -1.14 13.27
CA GLU B 191 -15.34 -1.55 14.47
C GLU B 191 -16.39 -0.54 14.93
N LEU B 192 -16.07 0.75 14.76
CA LEU B 192 -16.96 1.84 15.20
C LEU B 192 -17.95 2.32 14.14
N ALA B 193 -17.80 1.85 12.88
CA ALA B 193 -18.75 2.27 11.84
C ALA B 193 -20.20 1.86 12.21
N PRO B 194 -20.43 0.65 12.79
CA PRO B 194 -21.83 0.39 13.23
C PRO B 194 -22.41 1.42 14.21
N TYR B 195 -21.57 2.04 15.04
CA TYR B 195 -22.04 3.06 15.96
C TYR B 195 -22.04 4.43 15.30
N GLY B 196 -21.73 4.50 14.02
CA GLY B 196 -21.80 5.79 13.32
C GLY B 196 -20.62 6.68 13.66
N ILE B 197 -19.53 6.10 14.18
CA ILE B 197 -18.32 6.90 14.49
C ILE B 197 -17.31 6.65 13.39
N ARG B 198 -16.94 7.70 12.66
CA ARG B 198 -15.95 7.59 11.61
C ARG B 198 -14.55 7.83 12.19
N VAL B 199 -13.54 7.21 11.56
CA VAL B 199 -12.18 7.26 12.06
C VAL B 199 -11.25 7.39 10.88
N ASN B 200 -10.48 8.49 10.84
CA ASN B 200 -9.63 8.77 9.69
C ASN B 200 -8.30 9.29 10.16
N GLY B 201 -7.40 9.54 9.23
CA GLY B 201 -6.15 10.12 9.58
C GLY B 201 -5.68 11.22 8.69
N VAL B 202 -4.72 12.00 9.21
CA VAL B 202 -4.09 13.01 8.38
C VAL B 202 -2.62 12.76 8.53
N ALA B 203 -1.93 12.67 7.40
CA ALA B 203 -0.55 12.25 7.38
C ALA B 203 0.36 13.37 6.83
N PRO B 204 0.94 14.17 7.72
CA PRO B 204 1.83 15.26 7.26
C PRO B 204 3.09 14.69 6.67
N GLY B 205 3.80 15.45 5.85
CA GLY B 205 5.14 15.03 5.36
C GLY B 205 6.15 15.79 6.18
N VAL B 206 6.53 16.94 5.69
CA VAL B 206 7.26 17.85 6.55
C VAL B 206 6.36 19.06 6.81
N SER B 207 6.18 19.37 8.09
CA SER B 207 5.37 20.52 8.47
C SER B 207 6.31 21.39 9.30
N LEU B 208 5.76 22.25 10.16
CA LEU B 208 6.58 23.11 11.04
C LEU B 208 7.75 22.31 11.62
N LEU B 209 8.95 22.80 11.40
CA LEU B 209 10.15 21.99 11.63
C LEU B 209 10.79 22.11 13.01
N PRO B 210 11.16 20.95 13.59
CA PRO B 210 11.71 20.53 14.87
C PRO B 210 12.95 21.30 15.28
N ALA B 212 13.85 26.16 15.84
CA ALA B 212 14.85 25.41 16.61
C ALA B 212 15.96 24.85 15.70
N MET B 213 15.56 24.14 14.65
CA MET B 213 16.48 23.50 13.71
C MET B 213 17.19 24.57 12.85
N GLY B 214 18.42 24.31 12.41
CA GLY B 214 19.13 25.26 11.54
C GLY B 214 18.44 25.43 10.18
N GLU B 215 18.30 26.68 9.73
CA GLU B 215 17.62 27.00 8.44
C GLU B 215 18.23 26.31 7.23
N GLU B 216 19.55 26.08 7.26
CA GLU B 216 20.28 25.25 6.27
C GLU B 216 19.74 23.80 6.16
N GLU B 217 19.59 23.12 7.32
CA GLU B 217 18.98 21.76 7.39
C GLU B 217 17.46 21.76 7.11
N LYS B 218 16.75 22.77 7.63
CA LYS B 218 15.34 23.00 7.28
C LYS B 218 15.18 23.11 5.78
N ASP B 219 16.08 23.89 5.16
CA ASP B 219 16.11 24.09 3.73
C ASP B 219 16.35 22.81 2.96
N LYS B 220 17.14 21.89 3.53
CA LYS B 220 17.38 20.58 2.88
C LYS B 220 16.05 19.83 2.69
N TRP B 221 15.21 19.83 3.70
CA TRP B 221 13.88 19.21 3.62
C TRP B 221 12.90 19.99 2.71
N ARG B 222 12.85 21.31 2.88
CA ARG B 222 12.02 22.17 2.01
C ARG B 222 12.36 21.94 0.53
N ARG B 223 13.66 21.85 0.23
CA ARG B 223 14.17 21.54 -1.09
C ARG B 223 13.54 20.28 -1.70
N LYS B 224 13.27 19.27 -0.89
CA LYS B 224 12.78 17.98 -1.39
C LYS B 224 11.30 18.00 -1.80
N VAL B 225 10.54 18.95 -1.28
CA VAL B 225 9.10 18.96 -1.46
C VAL B 225 8.75 19.49 -2.86
N PRO B 226 8.15 18.63 -3.71
CA PRO B 226 7.80 19.07 -5.05
C PRO B 226 6.85 20.25 -5.10
N LEU B 227 5.84 20.27 -4.25
CA LEU B 227 4.84 21.32 -4.29
C LEU B 227 5.31 22.55 -3.51
N GLY B 228 5.92 23.50 -4.20
CA GLY B 228 6.35 24.76 -3.58
C GLY B 228 7.67 24.77 -2.83
N ARG B 229 8.32 23.60 -2.68
CA ARG B 229 9.64 23.52 -2.02
C ARG B 229 9.59 24.20 -0.64
N ARG B 230 8.52 23.90 0.09
CA ARG B 230 8.32 24.40 1.47
C ARG B 230 7.55 23.34 2.29
N GLU B 231 7.69 23.44 3.62
CA GLU B 231 6.96 22.59 4.57
C GLU B 231 5.49 23.02 4.67
N ALA B 232 4.61 22.13 5.16
CA ALA B 232 3.23 22.55 5.39
C ALA B 232 3.16 23.50 6.57
N SER B 233 2.31 24.51 6.45
CA SER B 233 1.91 25.28 7.62
C SER B 233 1.07 24.35 8.50
N ALA B 234 1.01 24.68 9.79
CA ALA B 234 0.16 23.95 10.70
C ALA B 234 -1.27 24.07 10.27
N GLU B 235 -1.65 25.22 9.69
CA GLU B 235 -3.02 25.46 9.27
C GLU B 235 -3.43 24.56 8.10
N GLN B 236 -2.48 24.31 7.21
CA GLN B 236 -2.69 23.35 6.10
C GLN B 236 -3.00 21.93 6.58
N ILE B 237 -2.28 21.48 7.61
CA ILE B 237 -2.63 20.22 8.27
C ILE B 237 -4.02 20.35 8.88
N ALA B 238 -4.29 21.46 9.59
CA ALA B 238 -5.58 21.62 10.24
C ALA B 238 -6.71 21.56 9.24
N ASP B 239 -6.49 22.16 8.07
CA ASP B 239 -7.52 22.17 7.01
C ASP B 239 -8.05 20.75 6.69
N ALA B 240 -7.12 19.80 6.62
CA ALA B 240 -7.52 18.43 6.30
C ALA B 240 -8.29 17.79 7.44
N VAL B 241 -7.95 18.16 8.68
CA VAL B 241 -8.65 17.68 9.88
C VAL B 241 -10.12 18.18 9.86
N ILE B 242 -10.25 19.49 9.62
CA ILE B 242 -11.55 20.15 9.44
C ILE B 242 -12.44 19.46 8.41
N PHE B 243 -11.88 19.21 7.21
CA PHE B 243 -12.64 18.44 6.24
C PHE B 243 -13.13 17.12 6.79
N LEU B 244 -12.24 16.35 7.43
CA LEU B 244 -12.60 14.96 7.86
C LEU B 244 -13.66 14.91 8.94
N VAL B 245 -13.66 15.93 9.79
CA VAL B 245 -14.72 16.03 10.80
C VAL B 245 -16.01 16.63 10.27
N SER B 246 -15.98 17.26 9.09
CA SER B 246 -17.17 17.99 8.59
C SER B 246 -18.23 17.05 7.98
N GLY B 247 -19.38 17.64 7.66
CA GLY B 247 -20.51 16.94 7.01
C GLY B 247 -20.19 16.53 5.58
N SER B 248 -19.17 17.16 4.99
CA SER B 248 -18.66 16.85 3.63
C SER B 248 -17.86 15.56 3.58
N ALA B 249 -17.59 14.95 4.75
CA ALA B 249 -16.80 13.73 4.86
C ALA B 249 -17.61 12.61 5.51
N GLN B 250 -18.93 12.75 5.50
CA GLN B 250 -19.83 11.81 6.19
C GLN B 250 -19.75 10.37 5.75
N TYR B 251 -19.21 10.08 4.57
CA TYR B 251 -19.12 8.68 4.10
C TYR B 251 -17.66 8.20 4.15
N ILE B 252 -16.76 9.09 4.55
CA ILE B 252 -15.35 8.76 4.58
C ILE B 252 -14.97 8.14 5.94
N THR B 253 -14.50 6.89 5.96
CA THR B 253 -13.91 6.36 7.17
C THR B 253 -12.84 5.36 6.75
N GLY B 254 -11.84 5.21 7.62
CA GLY B 254 -10.70 4.38 7.32
C GLY B 254 -9.74 5.03 6.32
N SER B 255 -9.84 6.33 6.13
CA SER B 255 -9.02 6.98 5.10
C SER B 255 -7.95 7.78 5.74
N ILE B 256 -6.77 7.80 5.11
CA ILE B 256 -5.67 8.62 5.62
C ILE B 256 -5.23 9.56 4.53
N ILE B 257 -5.40 10.86 4.76
CA ILE B 257 -5.11 11.84 3.72
C ILE B 257 -3.70 12.38 3.91
N LYS B 258 -2.85 12.22 2.92
CA LYS B 258 -1.51 12.77 3.00
C LYS B 258 -1.60 14.23 2.70
N VAL B 259 -0.94 15.00 3.55
CA VAL B 259 -0.83 16.44 3.35
C VAL B 259 0.68 16.70 3.36
N ASP B 260 1.33 16.42 2.24
CA ASP B 260 2.78 16.37 2.18
C ASP B 260 3.43 17.02 0.97
N GLY B 261 2.62 17.69 0.15
CA GLY B 261 3.17 18.41 -1.04
C GLY B 261 3.93 17.49 -2.01
N GLY B 262 3.56 16.21 -2.00
CA GLY B 262 4.18 15.22 -2.85
C GLY B 262 5.52 14.66 -2.40
N LEU B 263 5.98 15.03 -1.20
CA LEU B 263 7.22 14.48 -0.64
C LEU B 263 7.36 12.94 -0.65
N SER B 264 6.30 12.21 -0.30
CA SER B 264 6.41 10.76 -0.25
C SER B 264 6.53 10.10 -1.64
N LEU B 265 6.26 10.86 -2.70
CA LEU B 265 6.39 10.38 -4.09
C LEU B 265 7.82 10.45 -4.63
N VAL B 266 8.70 11.11 -3.87
CA VAL B 266 10.07 11.40 -4.34
C VAL B 266 11.02 10.26 -3.98
N HIS B 267 11.60 9.62 -5.00
CA HIS B 267 12.56 8.54 -4.79
C HIS B 267 13.86 9.09 -4.22
N ALA B 268 14.72 8.21 -3.70
CA ALA B 268 15.98 8.60 -3.07
C ALA B 268 16.91 9.28 -4.08
N GLU C 2 7.51 -35.41 -19.55
CA GLU C 2 8.52 -35.34 -18.46
C GLU C 2 8.81 -33.89 -18.00
N ALA C 3 9.74 -33.22 -18.67
CA ALA C 3 10.24 -31.92 -18.21
C ALA C 3 9.22 -30.78 -18.41
N PRO C 4 9.18 -29.81 -17.45
CA PRO C 4 8.21 -28.71 -17.67
C PRO C 4 8.78 -27.71 -18.67
N ALA C 5 7.91 -26.83 -19.16
CA ALA C 5 8.31 -25.84 -20.15
C ALA C 5 7.89 -24.41 -19.74
N ALA C 6 8.76 -23.44 -20.07
CA ALA C 6 8.54 -22.04 -19.69
C ALA C 6 8.69 -21.10 -20.90
N VAL C 7 7.81 -20.10 -20.97
CA VAL C 7 7.96 -19.01 -21.90
C VAL C 7 8.55 -17.80 -21.16
N VAL C 8 9.65 -17.26 -21.66
CA VAL C 8 10.21 -16.05 -21.10
C VAL C 8 10.24 -15.00 -22.20
N THR C 9 9.49 -13.92 -22.01
CA THR C 9 9.42 -12.92 -23.09
C THR C 9 10.65 -12.04 -22.89
N GLY C 10 11.14 -11.43 -23.95
CA GLY C 10 12.36 -10.58 -23.90
C GLY C 10 13.57 -11.31 -23.32
N ALA C 11 13.73 -12.58 -23.67
CA ALA C 11 14.71 -13.46 -23.05
C ALA C 11 16.13 -13.41 -23.63
N ALA C 12 16.38 -12.60 -24.64
CA ALA C 12 17.70 -12.63 -25.30
C ALA C 12 18.84 -12.05 -24.48
N LYS C 13 18.52 -11.04 -23.67
CA LYS C 13 19.54 -10.30 -22.95
C LYS C 13 19.17 -10.09 -21.48
N ARG C 14 20.20 -9.69 -20.73
CA ARG C 14 20.12 -9.22 -19.34
C ARG C 14 19.24 -10.08 -18.46
N ILE C 15 18.18 -9.50 -17.89
CA ILE C 15 17.42 -10.20 -16.83
C ILE C 15 16.61 -11.35 -17.41
N GLY C 16 16.00 -11.11 -18.58
CA GLY C 16 15.27 -12.20 -19.28
C GLY C 16 16.19 -13.37 -19.62
N ARG C 17 17.43 -13.09 -20.01
CA ARG C 17 18.42 -14.14 -20.29
C ARG C 17 18.71 -14.93 -19.00
N ALA C 18 19.09 -14.20 -17.95
CA ALA C 18 19.37 -14.81 -16.62
C ALA C 18 18.18 -15.68 -16.19
N ILE C 19 16.97 -15.16 -16.37
CA ILE C 19 15.79 -15.94 -16.05
C ILE C 19 15.75 -17.21 -16.88
N ALA C 20 15.95 -17.08 -18.20
CA ALA C 20 15.86 -18.26 -19.06
C ALA C 20 16.93 -19.31 -18.68
N VAL C 21 18.15 -18.85 -18.48
CA VAL C 21 19.25 -19.73 -18.10
C VAL C 21 18.95 -20.50 -16.82
N LYS C 22 18.58 -19.75 -15.77
CA LYS C 22 18.32 -20.35 -14.50
C LYS C 22 17.15 -21.32 -14.59
N LEU C 23 16.10 -20.99 -15.36
CA LEU C 23 14.98 -21.95 -15.45
C LEU C 23 15.47 -23.25 -16.14
N HIS C 24 16.34 -23.06 -17.12
CA HIS C 24 16.89 -24.16 -17.89
C HIS C 24 17.73 -25.05 -16.94
N GLN C 25 18.65 -24.42 -16.21
CA GLN C 25 19.46 -25.12 -15.18
C GLN C 25 18.62 -25.89 -14.15
N THR C 26 17.34 -25.53 -13.97
CA THR C 26 16.40 -26.19 -13.05
C THR C 26 15.65 -27.32 -13.75
N GLY C 27 15.94 -27.47 -15.05
CA GLY C 27 15.34 -28.52 -15.88
C GLY C 27 14.11 -28.15 -16.69
N TYR C 28 13.87 -26.83 -16.89
CA TYR C 28 12.78 -26.39 -17.78
C TYR C 28 13.28 -26.42 -19.17
N ARG C 29 12.39 -26.81 -20.09
CA ARG C 29 12.49 -26.40 -21.50
C ARG C 29 11.96 -24.93 -21.70
N VAL C 30 12.57 -24.18 -22.62
CA VAL C 30 12.31 -22.73 -22.70
C VAL C 30 12.06 -22.18 -24.12
N VAL C 31 11.07 -21.31 -24.23
CA VAL C 31 10.88 -20.53 -25.43
C VAL C 31 11.56 -19.20 -25.15
N ILE C 32 12.60 -18.91 -25.90
CA ILE C 32 13.29 -17.64 -25.83
C ILE C 32 12.60 -16.64 -26.79
N HIS C 33 11.73 -15.76 -26.25
CA HIS C 33 11.09 -14.78 -27.10
C HIS C 33 12.02 -13.57 -27.29
N TYR C 34 12.00 -12.99 -28.48
CA TYR C 34 12.84 -11.83 -28.80
C TYR C 34 12.07 -11.01 -29.81
N HIS C 35 12.50 -9.76 -29.96
CA HIS C 35 11.89 -8.88 -30.92
C HIS C 35 12.98 -8.43 -31.91
N ASN C 36 14.00 -7.72 -31.43
CA ASN C 36 15.09 -7.25 -32.25
C ASN C 36 16.40 -8.02 -32.05
N SER C 37 16.46 -8.80 -30.97
CA SER C 37 17.72 -9.42 -30.60
C SER C 37 17.79 -10.88 -31.11
N ALA C 38 17.65 -11.04 -32.44
CA ALA C 38 17.72 -12.36 -33.07
C ALA C 38 19.02 -13.10 -32.81
N GLU C 39 20.16 -12.42 -32.97
CA GLU C 39 21.45 -13.10 -32.87
C GLU C 39 21.72 -13.58 -31.43
N ALA C 40 21.42 -12.71 -30.45
CA ALA C 40 21.53 -13.08 -29.04
C ALA C 40 20.55 -14.19 -28.66
N ALA C 41 19.32 -14.14 -29.19
CA ALA C 41 18.35 -15.15 -28.82
C ALA C 41 18.83 -16.52 -29.28
N VAL C 42 19.26 -16.59 -30.55
CA VAL C 42 19.76 -17.86 -31.11
C VAL C 42 21.02 -18.37 -30.38
N SER C 43 21.94 -17.45 -30.11
CA SER C 43 23.13 -17.79 -29.37
C SER C 43 22.83 -18.38 -27.99
N LEU C 44 21.87 -17.78 -27.26
CA LEU C 44 21.40 -18.36 -26.00
C LEU C 44 20.81 -19.76 -26.24
N ALA C 45 19.98 -19.88 -27.29
CA ALA C 45 19.33 -21.19 -27.58
C ALA C 45 20.36 -22.26 -27.88
N ASP C 46 21.41 -21.87 -28.61
CA ASP C 46 22.53 -22.77 -28.96
C ASP C 46 23.17 -23.26 -27.66
N GLU C 47 23.58 -22.30 -26.83
CA GLU C 47 24.13 -22.59 -25.49
C GLU C 47 23.29 -23.57 -24.67
N LEU C 48 21.99 -23.32 -24.54
CA LEU C 48 21.11 -24.26 -23.82
C LEU C 48 20.97 -25.66 -24.48
N ASN C 49 20.83 -25.69 -25.81
CA ASN C 49 20.68 -26.97 -26.52
C ASN C 49 21.95 -27.85 -26.50
N LYS C 50 23.13 -27.22 -26.53
CA LYS C 50 24.40 -27.91 -26.30
C LYS C 50 24.41 -28.59 -24.95
N GLU C 51 23.87 -27.91 -23.93
CA GLU C 51 23.74 -28.52 -22.62
C GLU C 51 22.76 -29.71 -22.61
N ARG C 52 21.60 -29.56 -23.24
CA ARG C 52 20.60 -30.64 -23.35
C ARG C 52 19.85 -30.46 -24.66
N SER C 53 19.85 -31.48 -25.51
CA SER C 53 19.28 -31.35 -26.84
C SER C 53 17.77 -31.11 -26.88
N ASN C 54 17.39 -30.14 -27.71
CA ASN C 54 16.00 -29.83 -28.02
C ASN C 54 15.21 -29.39 -26.75
N THR C 55 15.88 -28.54 -25.98
CA THR C 55 15.28 -27.98 -24.76
C THR C 55 15.05 -26.44 -24.84
N ALA C 56 15.47 -25.81 -25.94
CA ALA C 56 15.37 -24.35 -26.15
C ALA C 56 14.96 -24.05 -27.62
N VAL C 57 13.91 -23.25 -27.79
CA VAL C 57 13.50 -22.71 -29.10
C VAL C 57 13.39 -21.17 -28.99
N VAL C 58 13.49 -20.50 -30.14
CA VAL C 58 13.32 -19.06 -30.18
C VAL C 58 11.97 -18.72 -30.80
N OCS C 59 11.43 -17.55 -30.45
CA OCS C 59 10.18 -17.05 -31.05
CB OCS C 59 9.01 -17.49 -30.18
SG OCS C 59 7.60 -17.26 -31.06
C OCS C 59 10.28 -15.55 -31.21
O OCS C 59 10.55 -14.83 -30.24
OD1 OCS C 59 7.44 -15.82 -31.19
OD2 OCS C 59 7.67 -17.82 -32.37
OD3 OCS C 59 6.33 -17.96 -30.39
N GLN C 60 10.10 -15.06 -32.45
CA GLN C 60 10.14 -13.65 -32.76
C GLN C 60 8.74 -13.03 -32.62
N ALA C 61 8.65 -11.92 -31.88
CA ALA C 61 7.41 -11.11 -31.91
C ALA C 61 7.64 -9.70 -31.42
N ASP C 62 7.00 -8.74 -32.10
CA ASP C 62 6.93 -7.38 -31.60
C ASP C 62 5.80 -7.45 -30.62
N LEU C 63 6.05 -7.01 -29.38
CA LEU C 63 5.03 -6.95 -28.35
C LEU C 63 4.37 -5.56 -28.18
N THR C 64 4.72 -4.61 -29.06
CA THR C 64 3.92 -3.37 -29.19
C THR C 64 2.38 -3.67 -29.24
N ASN C 65 1.54 -2.89 -28.56
CA ASN C 65 0.08 -3.06 -28.77
C ASN C 65 -0.36 -2.72 -30.23
N SER C 66 -1.17 -3.58 -30.85
CA SER C 66 -1.73 -3.35 -32.15
C SER C 66 -2.87 -4.32 -32.33
N ASN C 67 -3.59 -4.21 -33.45
CA ASN C 67 -4.67 -5.19 -33.74
C ASN C 67 -4.10 -6.59 -33.95
N VAL C 68 -2.80 -6.69 -34.28
CA VAL C 68 -2.15 -8.03 -34.32
C VAL C 68 -1.46 -8.54 -33.02
N LEU C 69 -1.38 -7.70 -31.96
CA LEU C 69 -0.83 -8.20 -30.66
C LEU C 69 -1.55 -9.46 -30.13
N PRO C 70 -2.90 -9.50 -30.16
CA PRO C 70 -3.48 -10.73 -29.65
C PRO C 70 -3.02 -12.00 -30.38
N ALA C 71 -2.98 -11.95 -31.71
CA ALA C 71 -2.45 -13.06 -32.53
C ALA C 71 -0.99 -13.37 -32.16
N SER C 72 -0.13 -12.37 -32.10
CA SER C 72 1.22 -12.63 -31.67
C SER C 72 1.35 -13.34 -30.31
N CYS C 73 0.51 -12.95 -29.34
CA CYS C 73 0.63 -13.45 -27.96
C CYS C 73 0.19 -14.88 -27.94
N GLU C 74 -0.94 -15.15 -28.60
CA GLU C 74 -1.42 -16.52 -28.71
C GLU C 74 -0.39 -17.40 -29.44
N GLU C 75 0.33 -16.82 -30.39
CA GLU C 75 1.36 -17.60 -31.07
C GLU C 75 2.54 -17.99 -30.18
N ILE C 76 2.91 -17.07 -29.27
CA ILE C 76 4.00 -17.35 -28.31
C ILE C 76 3.64 -18.56 -27.45
N ILE C 77 2.43 -18.53 -26.88
CA ILE C 77 1.93 -19.65 -26.08
C ILE C 77 1.89 -20.93 -26.92
N ASN C 78 1.46 -20.77 -28.18
CA ASN C 78 1.42 -21.92 -29.10
C ASN C 78 2.76 -22.56 -29.40
N SER C 79 3.78 -21.74 -29.64
CA SER C 79 5.13 -22.22 -29.85
C SER C 79 5.59 -23.12 -28.70
N CYS C 80 5.22 -22.77 -27.47
CA CYS C 80 5.57 -23.61 -26.32
C CYS C 80 4.89 -24.99 -26.39
N PHE C 81 3.59 -25.01 -26.66
CA PHE C 81 2.90 -26.27 -26.85
C PHE C 81 3.42 -27.05 -28.09
N ARG C 82 3.71 -26.36 -29.19
CA ARG C 82 4.20 -27.02 -30.40
C ARG C 82 5.51 -27.72 -30.10
N ALA C 83 6.44 -26.96 -29.52
CA ALA C 83 7.76 -27.47 -29.24
C ALA C 83 7.80 -28.54 -28.14
N PHE C 84 6.95 -28.41 -27.10
CA PHE C 84 7.22 -29.13 -25.85
C PHE C 84 6.04 -29.89 -25.31
N GLY C 85 4.85 -29.65 -25.85
CA GLY C 85 3.68 -30.46 -25.51
C GLY C 85 2.95 -29.92 -24.30
N ARG C 86 3.44 -28.79 -23.80
CA ARG C 86 2.90 -28.22 -22.55
C ARG C 86 3.51 -26.84 -22.34
N CYS C 87 2.86 -26.06 -21.48
CA CYS C 87 3.36 -24.74 -21.06
C CYS C 87 3.05 -24.59 -19.56
N ASP C 88 4.11 -24.61 -18.74
CA ASP C 88 3.89 -24.66 -17.28
C ASP C 88 4.06 -23.27 -16.67
N VAL C 89 4.97 -22.49 -17.24
CA VAL C 89 5.41 -21.22 -16.69
C VAL C 89 5.42 -20.12 -17.77
N LEU C 90 4.84 -18.97 -17.41
CA LEU C 90 4.91 -17.77 -18.21
C LEU C 90 5.66 -16.70 -17.41
N VAL C 91 6.72 -16.17 -17.96
CA VAL C 91 7.44 -15.09 -17.36
C VAL C 91 7.29 -13.88 -18.28
N ASN C 92 6.58 -12.85 -17.81
CA ASN C 92 6.37 -11.64 -18.53
C ASN C 92 7.48 -10.67 -18.17
N ASN C 93 8.53 -10.72 -18.97
CA ASN C 93 9.75 -9.97 -18.72
C ASN C 93 9.96 -8.83 -19.72
N ALA C 94 9.61 -9.01 -21.01
CA ALA C 94 9.81 -7.92 -22.01
C ALA C 94 9.24 -6.59 -21.55
N SER C 95 10.01 -5.52 -21.71
CA SER C 95 9.61 -4.24 -21.21
C SER C 95 10.26 -3.10 -22.00
N ALA C 96 9.48 -2.14 -22.45
CA ALA C 96 10.00 -0.89 -22.99
C ALA C 96 10.17 0.11 -21.86
N PHE C 97 11.18 0.98 -21.94
CA PHE C 97 11.44 1.89 -20.85
C PHE C 97 12.09 3.19 -21.38
N TYR C 98 11.40 4.32 -21.25
CA TYR C 98 11.94 5.63 -21.67
C TYR C 98 11.00 6.76 -21.21
N PRO C 99 11.51 8.00 -21.15
CA PRO C 99 10.64 9.11 -20.66
C PRO C 99 9.51 9.56 -21.60
N THR C 100 8.40 10.01 -21.04
CA THR C 100 7.32 10.59 -21.81
C THR C 100 6.82 11.79 -21.05
N PRO C 101 7.53 12.94 -21.16
CA PRO C 101 7.19 14.12 -20.37
C PRO C 101 5.78 14.64 -20.63
N LEU C 102 5.11 15.13 -19.59
CA LEU C 102 3.76 15.65 -19.74
C LEU C 102 3.73 17.04 -20.37
N VAL C 103 4.84 17.79 -20.21
CA VAL C 103 4.97 19.16 -20.73
C VAL C 103 6.22 19.23 -21.60
N LYS C 114 8.75 9.48 -32.05
CA LYS C 114 7.58 8.64 -31.79
C LYS C 114 6.38 9.51 -31.47
N THR C 115 5.24 9.24 -32.12
CA THR C 115 4.02 9.88 -31.69
C THR C 115 3.69 9.38 -30.24
N VAL C 116 2.86 10.16 -29.54
CA VAL C 116 2.35 9.75 -28.24
C VAL C 116 1.61 8.43 -28.39
N GLU C 117 0.86 8.22 -29.46
CA GLU C 117 0.13 6.95 -29.50
C GLU C 117 1.06 5.72 -29.76
N THR C 118 2.24 5.96 -30.34
CA THR C 118 3.29 4.91 -30.41
C THR C 118 3.92 4.63 -29.03
N GLN C 119 4.17 5.71 -28.28
CA GLN C 119 4.62 5.60 -26.88
C GLN C 119 3.60 4.81 -26.04
N VAL C 120 2.35 5.14 -26.20
CA VAL C 120 1.26 4.37 -25.57
C VAL C 120 1.40 2.88 -25.96
N ALA C 121 1.49 2.62 -27.24
CA ALA C 121 1.55 1.26 -27.76
C ALA C 121 2.72 0.45 -27.21
N GLU C 122 3.89 1.07 -27.10
CA GLU C 122 5.05 0.36 -26.59
C GLU C 122 5.04 0.27 -25.07
N LEU C 123 4.82 1.40 -24.38
CA LEU C 123 4.92 1.43 -22.92
C LEU C 123 3.72 0.74 -22.24
N ILE C 124 2.52 0.91 -22.77
CA ILE C 124 1.39 0.23 -22.16
C ILE C 124 1.22 -1.14 -22.81
N GLY C 125 1.42 -1.20 -24.12
CA GLY C 125 1.36 -2.51 -24.81
C GLY C 125 2.32 -3.57 -24.30
N THR C 126 3.62 -3.30 -24.35
CA THR C 126 4.57 -4.33 -23.91
C THR C 126 4.52 -4.57 -22.43
N ASN C 127 4.27 -3.52 -21.63
CA ASN C 127 4.38 -3.62 -20.17
C ASN C 127 3.14 -4.18 -19.51
N ALA C 128 2.02 -4.13 -20.23
CA ALA C 128 0.75 -4.44 -19.60
C ALA C 128 -0.22 -5.22 -20.45
N ILE C 129 -0.42 -4.78 -21.71
CA ILE C 129 -1.40 -5.41 -22.60
C ILE C 129 -0.86 -6.76 -23.11
N ALA C 130 0.39 -6.83 -23.54
CA ALA C 130 0.98 -8.16 -23.91
C ALA C 130 0.93 -9.13 -22.71
N PRO C 131 1.37 -8.67 -21.50
CA PRO C 131 1.19 -9.61 -20.39
C PRO C 131 -0.25 -10.09 -20.18
N PHE C 132 -1.24 -9.21 -20.40
CA PHE C 132 -2.61 -9.59 -20.20
C PHE C 132 -3.01 -10.62 -21.29
N LEU C 133 -2.55 -10.40 -22.52
CA LEU C 133 -2.94 -11.27 -23.64
C LEU C 133 -2.27 -12.62 -23.52
N LEU C 134 -0.98 -12.58 -23.20
CA LEU C 134 -0.22 -13.80 -22.89
C LEU C 134 -0.85 -14.60 -21.77
N THR C 135 -1.29 -13.93 -20.72
CA THR C 135 -1.97 -14.52 -19.59
C THR C 135 -3.26 -15.21 -20.03
N MET C 136 -4.07 -14.51 -20.83
CA MET C 136 -5.32 -15.03 -21.36
CA MET C 136 -5.33 -15.05 -21.35
C MET C 136 -5.05 -16.32 -22.17
N SER C 137 -4.10 -16.26 -23.09
CA SER C 137 -3.78 -17.42 -23.92
C SER C 137 -3.21 -18.58 -23.10
N PHE C 138 -2.31 -18.26 -22.16
CA PHE C 138 -1.73 -19.27 -21.28
C PHE C 138 -2.86 -19.97 -20.53
N ALA C 139 -3.81 -19.21 -20.01
CA ALA C 139 -4.89 -19.82 -19.22
C ALA C 139 -5.85 -20.62 -20.10
N GLN C 140 -6.21 -20.06 -21.26
CA GLN C 140 -7.13 -20.75 -22.19
C GLN C 140 -6.63 -22.11 -22.64
N ARG C 141 -5.32 -22.22 -22.82
CA ARG C 141 -4.71 -23.47 -23.26
C ARG C 141 -4.49 -24.50 -22.13
N GLN C 142 -4.89 -24.20 -20.90
CA GLN C 142 -4.81 -25.23 -19.84
C GLN C 142 -6.19 -25.83 -19.61
N ASN C 153 2.06 -27.91 -11.45
CA ASN C 153 2.55 -26.60 -10.90
C ASN C 153 2.65 -25.42 -11.92
N LEU C 154 1.49 -24.84 -12.19
CA LEU C 154 1.35 -23.77 -13.20
C LEU C 154 1.39 -22.40 -12.56
N SER C 155 2.25 -21.51 -13.07
CA SER C 155 2.28 -20.16 -12.53
C SER C 155 2.77 -19.14 -13.58
N ILE C 156 2.45 -17.88 -13.31
CA ILE C 156 2.92 -16.77 -14.12
C ILE C 156 3.75 -15.87 -13.21
N VAL C 157 4.85 -15.33 -13.73
CA VAL C 157 5.62 -14.35 -12.98
C VAL C 157 5.74 -13.08 -13.83
N ASN C 158 5.31 -11.94 -13.28
CA ASN C 158 5.35 -10.69 -13.97
C ASN C 158 6.52 -9.85 -13.47
N LEU C 159 7.35 -9.38 -14.37
CA LEU C 159 8.44 -8.45 -13.99
C LEU C 159 7.93 -7.03 -13.75
N CYS C 160 7.85 -6.65 -12.46
CA CYS C 160 7.22 -5.43 -11.98
C CYS C 160 8.34 -4.43 -11.68
N ASP C 161 8.10 -3.43 -10.82
CA ASP C 161 9.13 -2.39 -10.58
C ASP C 161 8.94 -1.94 -9.15
N ALA C 162 10.03 -2.02 -8.35
CA ALA C 162 9.96 -1.76 -6.93
C ALA C 162 9.73 -0.26 -6.73
N MET C 163 10.01 0.54 -7.74
CA MET C 163 9.93 2.00 -7.58
C MET C 163 8.63 2.62 -8.08
N VAL C 164 7.63 1.75 -8.22
CA VAL C 164 6.34 2.08 -8.74
C VAL C 164 5.64 3.25 -8.01
N ASP C 165 5.87 3.38 -6.72
CA ASP C 165 5.24 4.44 -5.92
C ASP C 165 6.16 5.64 -5.69
N GLN C 166 7.38 5.58 -6.20
CA GLN C 166 8.26 6.74 -6.14
C GLN C 166 8.85 6.83 -7.53
N PRO C 167 8.01 7.16 -8.51
CA PRO C 167 8.41 6.91 -9.91
C PRO C 167 9.53 7.87 -10.38
N CSX C 168 10.19 7.51 -11.48
CA CSX C 168 11.16 8.41 -12.14
CB CSX C 168 11.88 7.63 -13.24
SG CSX C 168 12.84 6.33 -12.67
C CSX C 168 10.40 9.59 -12.72
O CSX C 168 9.29 9.42 -13.28
OD CSX C 168 14.09 7.01 -12.15
N MET C 169 10.95 10.80 -12.58
CA MET C 169 10.33 12.01 -13.13
C MET C 169 10.17 11.95 -14.65
N ALA C 170 9.00 12.36 -15.16
CA ALA C 170 8.75 12.38 -16.62
C ALA C 170 8.56 10.99 -17.24
N PHE C 171 8.26 9.98 -16.43
CA PHE C 171 8.09 8.59 -16.88
C PHE C 171 6.66 8.11 -16.64
N SER C 172 5.66 8.99 -16.84
CA SER C 172 4.27 8.62 -16.55
CA SER C 172 4.24 8.66 -16.60
C SER C 172 3.75 7.40 -17.30
N LEU C 173 3.99 7.29 -18.60
CA LEU C 173 3.40 6.15 -19.33
C LEU C 173 4.01 4.87 -18.87
N TYR C 174 5.33 4.86 -18.71
CA TYR C 174 6.01 3.70 -18.17
C TYR C 174 5.43 3.34 -16.79
N ASN C 175 5.32 4.35 -15.92
CA ASN C 175 4.81 4.10 -14.57
C ASN C 175 3.39 3.56 -14.61
N MET C 176 2.58 4.09 -15.53
CA MET C 176 1.20 3.64 -15.69
C MET C 176 1.13 2.17 -16.07
N GLY C 177 2.03 1.79 -17.00
CA GLY C 177 2.16 0.43 -17.53
C GLY C 177 2.55 -0.50 -16.40
N LYS C 178 3.47 -0.08 -15.53
CA LYS C 178 3.88 -0.97 -14.41
C LYS C 178 2.80 -1.09 -13.31
N HIS C 179 2.02 -0.03 -13.09
CA HIS C 179 0.92 -0.11 -12.15
C HIS C 179 -0.15 -1.01 -12.71
N ALA C 180 -0.42 -0.89 -14.03
CA ALA C 180 -1.38 -1.77 -14.70
C ALA C 180 -0.97 -3.23 -14.53
N LEU C 181 0.35 -3.48 -14.63
CA LEU C 181 0.90 -4.84 -14.43
C LEU C 181 0.64 -5.38 -13.02
N VAL C 182 0.72 -4.49 -12.02
CA VAL C 182 0.35 -4.88 -10.62
C VAL C 182 -1.13 -5.26 -10.61
N GLY C 183 -1.99 -4.43 -11.20
CA GLY C 183 -3.42 -4.76 -11.30
C GLY C 183 -3.64 -6.13 -11.94
N LEU C 184 -2.94 -6.38 -13.04
CA LEU C 184 -3.04 -7.66 -13.75
C LEU C 184 -2.60 -8.79 -12.84
N THR C 185 -1.50 -8.59 -12.15
CA THR C 185 -0.99 -9.60 -11.23
C THR C 185 -2.05 -10.01 -10.24
N GLN C 186 -2.72 -9.04 -9.64
CA GLN C 186 -3.74 -9.30 -8.64
C GLN C 186 -5.00 -9.84 -9.23
N SER C 187 -5.48 -9.24 -10.33
CA SER C 187 -6.70 -9.74 -10.94
C SER C 187 -6.56 -11.14 -11.48
N ALA C 188 -5.42 -11.41 -12.12
CA ALA C 188 -5.18 -12.75 -12.69
C ALA C 188 -4.95 -13.79 -11.57
N ALA C 189 -4.24 -13.41 -10.49
CA ALA C 189 -4.11 -14.30 -9.36
C ALA C 189 -5.51 -14.71 -8.82
N LEU C 190 -6.39 -13.74 -8.66
CA LEU C 190 -7.75 -14.01 -8.15
C LEU C 190 -8.58 -14.93 -9.08
N GLU C 191 -8.68 -14.57 -10.36
CA GLU C 191 -9.47 -15.29 -11.35
C GLU C 191 -8.91 -16.69 -11.70
N LEU C 192 -7.59 -16.83 -11.75
CA LEU C 192 -6.97 -18.09 -12.18
C LEU C 192 -6.65 -19.03 -11.03
N ALA C 193 -6.81 -18.56 -9.80
CA ALA C 193 -6.54 -19.44 -8.68
C ALA C 193 -7.39 -20.73 -8.75
N PRO C 194 -8.70 -20.64 -9.11
CA PRO C 194 -9.46 -21.87 -9.23
C PRO C 194 -8.94 -22.83 -10.29
N TYR C 195 -8.17 -22.34 -11.26
CA TYR C 195 -7.54 -23.21 -12.25
C TYR C 195 -6.21 -23.77 -11.78
N GLY C 196 -5.82 -23.49 -10.54
CA GLY C 196 -4.49 -23.88 -10.06
C GLY C 196 -3.36 -23.08 -10.69
N ILE C 197 -3.66 -21.94 -11.32
CA ILE C 197 -2.60 -21.14 -11.92
C ILE C 197 -2.26 -20.03 -10.92
N ARG C 198 -1.04 -20.03 -10.41
CA ARG C 198 -0.62 -18.97 -9.49
C ARG C 198 -0.10 -17.80 -10.30
N VAL C 199 -0.28 -16.58 -9.80
CA VAL C 199 0.23 -15.39 -10.50
C VAL C 199 0.95 -14.45 -9.54
N ASN C 200 2.24 -14.21 -9.78
CA ASN C 200 3.05 -13.44 -8.86
C ASN C 200 3.93 -12.50 -9.60
N GLY C 201 4.68 -11.67 -8.88
CA GLY C 201 5.66 -10.82 -9.52
C GLY C 201 6.98 -10.65 -8.81
N VAL C 202 7.95 -10.11 -9.54
CA VAL C 202 9.23 -9.80 -8.99
C VAL C 202 9.51 -8.38 -9.43
N ALA C 203 9.88 -7.54 -8.45
CA ALA C 203 10.00 -6.13 -8.72
C ALA C 203 11.45 -5.73 -8.45
N PRO C 204 12.24 -5.58 -9.51
CA PRO C 204 13.62 -5.06 -9.33
C PRO C 204 13.64 -3.58 -8.96
N GLY C 205 14.76 -3.16 -8.35
CA GLY C 205 14.97 -1.74 -8.05
C GLY C 205 15.86 -1.24 -9.18
N VAL C 206 17.15 -1.09 -8.89
CA VAL C 206 18.12 -1.00 -9.97
C VAL C 206 18.83 -2.34 -10.09
N SER C 207 18.74 -2.91 -11.29
CA SER C 207 19.56 -4.04 -11.69
C SER C 207 20.58 -3.42 -12.65
N LEU C 208 21.21 -4.23 -13.50
CA LEU C 208 22.13 -3.72 -14.53
C LEU C 208 21.45 -2.57 -15.30
N LEU C 209 22.00 -1.36 -15.17
CA LEU C 209 21.44 -0.14 -15.80
C LEU C 209 21.27 -0.28 -17.34
N PRO C 210 20.28 0.44 -17.94
CA PRO C 210 19.98 0.25 -19.37
C PRO C 210 20.96 1.00 -20.27
N ALA C 212 24.32 1.21 -22.05
CA ALA C 212 23.69 2.35 -22.69
C ALA C 212 23.55 3.58 -21.77
N MET C 213 22.86 3.43 -20.64
CA MET C 213 22.59 4.53 -19.69
C MET C 213 23.85 5.16 -19.07
N GLY C 214 23.69 6.35 -18.50
CA GLY C 214 24.80 7.12 -17.92
C GLY C 214 25.72 6.36 -16.98
N GLU C 215 26.91 6.90 -16.77
CA GLU C 215 27.95 6.23 -15.97
C GLU C 215 28.21 6.86 -14.59
N GLU C 216 28.32 8.19 -14.54
CA GLU C 216 28.30 8.92 -13.26
C GLU C 216 26.89 8.81 -12.69
N GLU C 217 25.91 8.82 -13.60
CA GLU C 217 24.50 8.54 -13.33
C GLU C 217 24.27 7.18 -12.63
N LYS C 218 24.92 6.12 -13.12
CA LYS C 218 24.80 4.76 -12.57
C LYS C 218 25.39 4.61 -11.15
N ASP C 219 26.48 5.32 -10.90
CA ASP C 219 27.11 5.29 -9.59
C ASP C 219 26.30 6.07 -8.57
N LYS C 220 25.67 7.15 -9.02
CA LYS C 220 24.75 7.93 -8.19
C LYS C 220 23.68 7.00 -7.57
N TRP C 221 23.14 6.08 -8.38
CA TRP C 221 22.12 5.10 -7.95
C TRP C 221 22.63 4.00 -7.02
N ARG C 222 23.72 3.33 -7.41
CA ARG C 222 24.31 2.29 -6.58
C ARG C 222 24.57 2.84 -5.17
N ARG C 223 25.06 4.07 -5.10
CA ARG C 223 25.26 4.73 -3.79
C ARG C 223 24.00 4.94 -2.92
N LYS C 224 22.81 4.93 -3.51
CA LYS C 224 21.56 5.11 -2.74
C LYS C 224 21.10 3.80 -2.10
N VAL C 225 21.52 2.67 -2.66
CA VAL C 225 21.04 1.36 -2.28
C VAL C 225 21.60 0.97 -0.92
N PRO C 226 20.72 0.77 0.09
CA PRO C 226 21.18 0.41 1.42
C PRO C 226 22.02 -0.87 1.45
N LEU C 227 21.59 -1.87 0.70
CA LEU C 227 22.25 -3.16 0.76
C LEU C 227 23.46 -3.25 -0.18
N GLY C 228 24.61 -2.80 0.30
CA GLY C 228 25.88 -3.01 -0.41
C GLY C 228 26.17 -2.03 -1.50
N ARG C 229 25.39 -0.95 -1.56
CA ARG C 229 25.68 0.20 -2.45
C ARG C 229 25.91 -0.20 -3.93
N ARG C 230 25.16 -1.21 -4.37
CA ARG C 230 25.36 -1.81 -5.69
C ARG C 230 24.01 -2.18 -6.26
N GLU C 231 23.95 -2.30 -7.61
CA GLU C 231 22.79 -2.92 -8.28
C GLU C 231 22.70 -4.44 -8.09
N ALA C 232 21.50 -4.98 -8.28
CA ALA C 232 21.32 -6.42 -8.32
C ALA C 232 22.25 -6.99 -9.41
N SER C 233 22.30 -8.29 -9.52
CA SER C 233 22.72 -8.85 -10.77
C SER C 233 21.41 -9.34 -11.34
N ALA C 234 21.43 -9.66 -12.63
CA ALA C 234 20.31 -10.30 -13.29
C ALA C 234 19.97 -11.61 -12.61
N GLU C 235 21.00 -12.27 -12.10
CA GLU C 235 20.85 -13.58 -11.49
C GLU C 235 20.07 -13.50 -10.17
N GLN C 236 20.35 -12.44 -9.41
CA GLN C 236 19.55 -12.19 -8.17
C GLN C 236 18.05 -12.03 -8.50
N ILE C 237 17.74 -11.32 -9.59
CA ILE C 237 16.33 -11.27 -10.06
C ILE C 237 15.78 -12.64 -10.37
N ALA C 238 16.56 -13.41 -11.14
CA ALA C 238 16.17 -14.73 -11.56
C ALA C 238 15.90 -15.68 -10.41
N ASP C 239 16.74 -15.59 -9.36
CA ASP C 239 16.56 -16.38 -8.11
C ASP C 239 15.12 -16.29 -7.54
N ALA C 240 14.61 -15.06 -7.51
CA ALA C 240 13.25 -14.80 -7.03
C ALA C 240 12.19 -15.41 -7.91
N VAL C 241 12.40 -15.33 -9.22
CA VAL C 241 11.53 -16.00 -10.20
C VAL C 241 11.52 -17.49 -9.97
N ILE C 242 12.72 -18.07 -9.93
CA ILE C 242 12.90 -19.52 -9.65
C ILE C 242 12.18 -19.92 -8.37
N PHE C 243 12.31 -19.11 -7.32
CA PHE C 243 11.53 -19.39 -6.11
C PHE C 243 10.02 -19.46 -6.40
N LEU C 244 9.47 -18.40 -7.02
CA LEU C 244 8.01 -18.29 -7.20
C LEU C 244 7.42 -19.39 -8.07
N VAL C 245 8.17 -19.85 -9.08
CA VAL C 245 7.74 -20.99 -9.89
C VAL C 245 7.89 -22.34 -9.19
N SER C 246 8.77 -22.42 -8.18
CA SER C 246 9.08 -23.70 -7.53
C SER C 246 7.94 -24.25 -6.68
N GLY C 247 8.09 -25.50 -6.26
CA GLY C 247 7.16 -26.14 -5.31
C GLY C 247 7.21 -25.51 -3.91
N SER C 248 8.29 -24.77 -3.62
CA SER C 248 8.41 -23.95 -2.38
C SER C 248 7.53 -22.70 -2.35
N ALA C 249 6.81 -22.41 -3.43
CA ALA C 249 5.89 -21.27 -3.46
C ALA C 249 4.47 -21.69 -3.83
N GLN C 250 4.14 -22.95 -3.53
CA GLN C 250 2.83 -23.50 -3.93
C GLN C 250 1.59 -22.83 -3.36
N TYR C 251 1.73 -22.10 -2.28
CA TYR C 251 0.57 -21.39 -1.73
C TYR C 251 0.60 -19.86 -1.98
N ILE C 252 1.61 -19.42 -2.71
CA ILE C 252 1.83 -18.01 -2.94
C ILE C 252 1.21 -17.61 -4.27
N THR C 253 0.27 -16.66 -4.24
CA THR C 253 -0.24 -16.06 -5.46
C THR C 253 -0.73 -14.67 -5.08
N GLY C 254 -0.65 -13.74 -6.02
CA GLY C 254 -0.99 -12.36 -5.72
C GLY C 254 0.18 -11.62 -5.03
N SER C 255 1.39 -12.22 -5.00
CA SER C 255 2.47 -11.60 -4.24
C SER C 255 3.46 -11.03 -5.17
N ILE C 256 4.04 -9.91 -4.77
CA ILE C 256 5.05 -9.29 -5.59
C ILE C 256 6.23 -9.13 -4.67
N ILE C 257 7.35 -9.76 -5.02
CA ILE C 257 8.52 -9.78 -4.19
C ILE C 257 9.48 -8.72 -4.71
N LYS C 258 9.80 -7.75 -3.86
CA LYS C 258 10.82 -6.74 -4.20
C LYS C 258 12.18 -7.36 -4.05
N VAL C 259 13.02 -7.07 -5.02
CA VAL C 259 14.39 -7.52 -5.02
C VAL C 259 15.19 -6.29 -5.35
N ASP C 260 15.39 -5.43 -4.37
CA ASP C 260 15.84 -4.07 -4.61
C ASP C 260 16.87 -3.60 -3.62
N GLY C 261 17.33 -4.52 -2.76
CA GLY C 261 18.32 -4.15 -1.74
C GLY C 261 17.92 -3.00 -0.82
N GLY C 262 16.62 -2.78 -0.63
CA GLY C 262 16.17 -1.74 0.29
C GLY C 262 15.92 -0.40 -0.36
N LEU C 263 16.19 -0.27 -1.66
CA LEU C 263 16.15 1.05 -2.33
C LEU C 263 14.83 1.75 -2.14
N SER C 264 13.72 0.99 -2.25
CA SER C 264 12.40 1.61 -2.19
C SER C 264 12.09 2.15 -0.79
N LEU C 265 12.82 1.67 0.23
CA LEU C 265 12.64 2.19 1.60
C LEU C 265 13.35 3.54 1.86
N VAL C 266 14.22 3.98 0.96
CA VAL C 266 15.05 5.18 1.21
C VAL C 266 14.29 6.48 0.84
N HIS C 267 14.14 7.38 1.81
CA HIS C 267 13.43 8.64 1.54
C HIS C 267 14.30 9.60 0.68
N ALA C 268 13.64 10.59 0.08
CA ALA C 268 14.31 11.59 -0.75
C ALA C 268 15.34 12.37 0.06
N GLU D 2 31.61 -25.32 9.57
CA GLU D 2 30.89 -24.78 10.77
C GLU D 2 29.44 -24.40 10.39
N ALA D 3 28.45 -25.07 10.97
CA ALA D 3 27.04 -24.82 10.66
C ALA D 3 26.52 -23.45 11.16
N PRO D 4 25.68 -22.75 10.35
CA PRO D 4 25.08 -21.53 10.89
C PRO D 4 24.06 -21.80 12.01
N ALA D 5 23.68 -20.75 12.75
CA ALA D 5 22.69 -20.95 13.83
C ALA D 5 21.54 -19.92 13.78
N ALA D 6 20.35 -20.42 14.15
CA ALA D 6 19.16 -19.58 14.16
C ALA D 6 18.36 -19.66 15.46
N VAL D 7 17.81 -18.51 15.88
CA VAL D 7 16.80 -18.44 16.93
C VAL D 7 15.41 -18.33 16.28
N VAL D 8 14.50 -19.16 16.73
CA VAL D 8 13.15 -19.12 16.28
C VAL D 8 12.31 -18.94 17.54
N THR D 9 11.50 -17.85 17.60
CA THR D 9 10.70 -17.64 18.81
C THR D 9 9.39 -18.37 18.65
N GLY D 10 8.81 -18.77 19.77
CA GLY D 10 7.57 -19.56 19.77
C GLY D 10 7.70 -20.77 18.83
N ALA D 11 8.80 -21.51 18.95
CA ALA D 11 9.13 -22.59 18.01
C ALA D 11 8.66 -24.01 18.42
N ALA D 12 7.95 -24.11 19.54
CA ALA D 12 7.61 -25.43 20.06
C ALA D 12 6.56 -26.06 19.20
N LYS D 13 5.67 -25.25 18.67
CA LYS D 13 4.51 -25.79 17.95
C LYS D 13 4.30 -25.12 16.60
N ARG D 14 3.36 -25.70 15.86
CA ARG D 14 2.78 -25.10 14.65
C ARG D 14 3.81 -24.47 13.69
N ILE D 15 3.67 -23.19 13.34
CA ILE D 15 4.46 -22.64 12.27
C ILE D 15 5.90 -22.48 12.73
N GLY D 16 6.07 -22.00 13.96
CA GLY D 16 7.43 -21.84 14.49
C GLY D 16 8.20 -23.16 14.47
N ARG D 17 7.49 -24.24 14.75
CA ARG D 17 8.07 -25.60 14.77
C ARG D 17 8.53 -26.00 13.38
N ALA D 18 7.60 -25.89 12.41
CA ALA D 18 7.93 -26.17 11.02
C ALA D 18 9.11 -25.32 10.57
N ILE D 19 9.16 -24.06 10.99
CA ILE D 19 10.33 -23.21 10.66
C ILE D 19 11.63 -23.78 11.26
N ALA D 20 11.56 -24.16 12.54
CA ALA D 20 12.72 -24.76 13.22
C ALA D 20 13.19 -26.03 12.50
N VAL D 21 12.24 -26.92 12.22
CA VAL D 21 12.54 -28.17 11.54
C VAL D 21 13.23 -27.92 10.23
N LYS D 22 12.65 -27.03 9.41
CA LYS D 22 13.17 -26.81 8.08
C LYS D 22 14.50 -26.09 8.12
N LEU D 23 14.71 -25.20 9.08
CA LEU D 23 16.03 -24.58 9.18
C LEU D 23 17.07 -25.67 9.55
N HIS D 24 16.67 -26.59 10.41
CA HIS D 24 17.57 -27.63 10.88
C HIS D 24 17.94 -28.56 9.69
N GLN D 25 16.93 -29.01 8.95
CA GLN D 25 17.13 -29.77 7.70
C GLN D 25 18.04 -29.12 6.67
N THR D 26 18.11 -27.80 6.70
CA THR D 26 18.94 -27.01 5.79
C THR D 26 20.35 -26.89 6.32
N GLY D 27 20.57 -27.42 7.52
CA GLY D 27 21.89 -27.39 8.15
C GLY D 27 22.12 -26.42 9.31
N TYR D 28 21.08 -25.69 9.73
CA TYR D 28 21.20 -24.74 10.86
C TYR D 28 21.18 -25.49 12.19
N ARG D 29 21.96 -24.95 13.12
CA ARG D 29 21.69 -25.28 14.53
C ARG D 29 20.58 -24.31 15.05
N VAL D 30 19.66 -24.82 15.88
CA VAL D 30 18.52 -24.02 16.31
C VAL D 30 18.34 -23.81 17.82
N VAL D 31 18.01 -22.57 18.20
CA VAL D 31 17.52 -22.27 19.54
C VAL D 31 16.03 -22.24 19.43
N ILE D 32 15.41 -23.21 20.10
CA ILE D 32 13.97 -23.28 20.18
C ILE D 32 13.40 -22.48 21.36
N HIS D 33 13.00 -21.23 21.11
CA HIS D 33 12.37 -20.44 22.17
C HIS D 33 10.95 -20.92 22.41
N TYR D 34 10.50 -20.89 23.68
CA TYR D 34 9.10 -21.24 23.96
C TYR D 34 8.69 -20.48 25.21
N HIS D 35 7.40 -20.48 25.51
CA HIS D 35 6.93 -19.78 26.70
C HIS D 35 6.31 -20.78 27.65
N ASN D 36 5.16 -21.33 27.29
CA ASN D 36 4.51 -22.38 28.07
C ASN D 36 4.70 -23.80 27.56
N SER D 37 5.00 -23.96 26.27
CA SER D 37 4.98 -25.29 25.68
C SER D 37 6.29 -26.02 25.94
N ALA D 38 6.53 -26.31 27.22
CA ALA D 38 7.78 -26.92 27.68
C ALA D 38 8.02 -28.33 27.15
N GLU D 39 7.04 -29.23 27.28
CA GLU D 39 7.17 -30.59 26.73
C GLU D 39 7.42 -30.63 25.23
N ALA D 40 6.57 -29.97 24.44
CA ALA D 40 6.73 -29.93 22.99
C ALA D 40 8.12 -29.36 22.61
N ALA D 41 8.53 -28.33 23.32
CA ALA D 41 9.82 -27.70 22.99
C ALA D 41 10.95 -28.72 23.18
N VAL D 42 10.91 -29.39 24.33
CA VAL D 42 11.90 -30.38 24.73
C VAL D 42 11.85 -31.55 23.77
N SER D 43 10.64 -32.03 23.53
CA SER D 43 10.41 -33.05 22.51
C SER D 43 11.04 -32.70 21.13
N LEU D 44 10.92 -31.44 20.68
CA LEU D 44 11.45 -31.10 19.36
C LEU D 44 12.97 -31.09 19.36
N ALA D 45 13.57 -30.52 20.41
CA ALA D 45 15.02 -30.50 20.55
C ALA D 45 15.62 -31.93 20.57
N ASP D 46 14.88 -32.86 21.17
CA ASP D 46 15.24 -34.30 21.21
C ASP D 46 15.32 -34.87 19.81
N GLU D 47 14.20 -34.75 19.10
CA GLU D 47 14.11 -35.11 17.70
C GLU D 47 15.28 -34.53 16.90
N LEU D 48 15.51 -33.23 16.98
CA LEU D 48 16.58 -32.61 16.19
C LEU D 48 17.98 -33.09 16.55
N ASN D 49 18.22 -33.26 17.85
CA ASN D 49 19.52 -33.70 18.35
C ASN D 49 19.78 -35.19 18.04
N LYS D 50 18.71 -36.00 18.04
CA LYS D 50 18.79 -37.39 17.56
C LYS D 50 19.37 -37.41 16.14
N GLU D 51 18.90 -36.50 15.27
CA GLU D 51 19.37 -36.42 13.89
C GLU D 51 20.80 -35.89 13.74
N ARG D 52 21.14 -34.83 14.47
CA ARG D 52 22.52 -34.33 14.53
C ARG D 52 22.80 -33.82 15.94
N SER D 53 23.52 -34.60 16.74
CA SER D 53 23.78 -34.23 18.12
C SER D 53 24.34 -32.80 18.27
N ASN D 54 23.95 -32.14 19.36
CA ASN D 54 24.45 -30.78 19.67
C ASN D 54 24.02 -29.75 18.64
N THR D 55 22.79 -29.85 18.14
CA THR D 55 22.34 -28.88 17.13
C THR D 55 21.05 -28.12 17.48
N ALA D 56 20.58 -28.31 18.72
CA ALA D 56 19.26 -27.84 19.17
C ALA D 56 19.24 -27.64 20.67
N VAL D 57 18.82 -26.46 21.13
CA VAL D 57 18.58 -26.20 22.57
C VAL D 57 17.22 -25.55 22.70
N VAL D 58 16.63 -25.59 23.89
CA VAL D 58 15.45 -24.80 24.16
C VAL D 58 15.82 -23.56 24.98
N CSX D 59 14.89 -22.60 25.05
CA CSX D 59 15.09 -21.34 25.81
CB CSX D 59 15.90 -20.28 25.06
SG CSX D 59 16.01 -18.75 25.84
C CSX D 59 13.71 -20.84 26.14
O CSX D 59 12.97 -20.44 25.24
OD CSX D 59 17.21 -18.68 26.78
N GLN D 60 13.36 -20.92 27.42
CA GLN D 60 12.06 -20.47 27.95
C GLN D 60 12.09 -18.93 28.24
N ALA D 61 11.06 -18.23 27.79
CA ALA D 61 10.90 -16.80 28.10
C ALA D 61 9.51 -16.28 27.76
N ASP D 62 9.04 -15.36 28.60
CA ASP D 62 7.82 -14.61 28.39
C ASP D 62 8.18 -13.41 27.53
N LEU D 63 7.45 -13.24 26.42
CA LEU D 63 7.70 -12.10 25.55
C LEU D 63 6.69 -10.94 25.70
N THR D 64 5.93 -10.98 26.80
CA THR D 64 5.04 -9.88 27.20
C THR D 64 5.90 -8.65 27.45
N ASN D 65 5.44 -7.44 27.09
CA ASN D 65 6.27 -6.26 27.38
C ASN D 65 6.28 -6.02 28.91
N SER D 66 7.43 -5.58 29.43
CA SER D 66 7.61 -5.24 30.86
C SER D 66 9.01 -4.67 30.93
N ASN D 67 9.41 -4.13 32.09
CA ASN D 67 10.77 -3.58 32.19
C ASN D 67 11.90 -4.61 32.19
N VAL D 68 11.57 -5.90 32.31
CA VAL D 68 12.58 -6.94 32.08
C VAL D 68 12.59 -7.57 30.66
N LEU D 69 11.66 -7.20 29.79
CA LEU D 69 11.69 -7.76 28.44
C LEU D 69 13.05 -7.60 27.78
N PRO D 70 13.66 -6.42 27.91
CA PRO D 70 14.98 -6.30 27.23
C PRO D 70 15.99 -7.34 27.68
N ALA D 71 16.01 -7.63 28.97
CA ALA D 71 16.88 -8.70 29.46
C ALA D 71 16.48 -10.05 28.93
N SER D 72 15.17 -10.38 28.89
CA SER D 72 14.83 -11.68 28.36
C SER D 72 15.29 -11.83 26.92
N CYS D 73 15.04 -10.80 26.10
CA CYS D 73 15.42 -10.81 24.67
C CYS D 73 16.94 -10.89 24.52
N GLU D 74 17.66 -10.12 25.33
CA GLU D 74 19.12 -10.24 25.32
C GLU D 74 19.55 -11.69 25.64
N GLU D 75 18.82 -12.30 26.57
CA GLU D 75 19.17 -13.64 27.03
C GLU D 75 18.90 -14.64 25.92
N ILE D 76 17.78 -14.48 25.21
CA ILE D 76 17.45 -15.37 24.08
C ILE D 76 18.56 -15.34 23.04
N ILE D 77 19.05 -14.16 22.72
CA ILE D 77 20.12 -14.05 21.74
C ILE D 77 21.39 -14.68 22.32
N ASN D 78 21.71 -14.33 23.58
CA ASN D 78 22.93 -14.84 24.27
C ASN D 78 22.99 -16.33 24.27
N SER D 79 21.84 -16.96 24.46
CA SER D 79 21.79 -18.38 24.52
C SER D 79 22.21 -19.05 23.20
N CYS D 80 21.89 -18.41 22.09
CA CYS D 80 22.32 -18.93 20.82
C CYS D 80 23.82 -18.86 20.75
N PHE D 81 24.40 -17.72 21.12
CA PHE D 81 25.83 -17.62 21.14
C PHE D 81 26.50 -18.60 22.13
N ARG D 82 25.81 -18.93 23.23
CA ARG D 82 26.40 -19.78 24.26
C ARG D 82 26.44 -21.18 23.71
N ALA D 83 25.33 -21.63 23.16
CA ALA D 83 25.27 -23.00 22.62
C ALA D 83 26.07 -23.14 21.34
N PHE D 84 26.05 -22.14 20.46
CA PHE D 84 26.63 -22.39 19.14
C PHE D 84 27.78 -21.52 18.73
N GLY D 85 28.18 -20.59 19.57
CA GLY D 85 29.25 -19.64 19.17
C GLY D 85 28.87 -18.59 18.13
N ARG D 86 27.63 -18.66 17.65
CA ARG D 86 27.17 -17.66 16.65
C ARG D 86 25.65 -17.53 16.59
N CYS D 87 25.19 -16.52 15.84
CA CYS D 87 23.76 -16.35 15.58
C CYS D 87 23.58 -15.70 14.23
N ASP D 88 23.14 -16.48 13.24
CA ASP D 88 23.07 -16.02 11.87
C ASP D 88 21.67 -15.53 11.48
N VAL D 89 20.65 -16.17 12.07
CA VAL D 89 19.28 -15.96 11.70
C VAL D 89 18.39 -15.76 12.95
N LEU D 90 17.51 -14.75 12.93
CA LEU D 90 16.49 -14.60 13.94
C LEU D 90 15.17 -14.69 13.23
N VAL D 91 14.28 -15.55 13.72
CA VAL D 91 12.93 -15.58 13.24
C VAL D 91 11.97 -15.11 14.35
N ASN D 92 11.32 -13.96 14.16
CA ASN D 92 10.31 -13.50 15.09
C ASN D 92 8.95 -14.04 14.77
N ASN D 93 8.58 -15.13 15.45
CA ASN D 93 7.37 -15.89 15.16
C ASN D 93 6.34 -15.90 16.32
N ALA D 94 6.83 -15.90 17.59
CA ALA D 94 5.97 -15.87 18.76
C ALA D 94 4.98 -14.72 18.67
N SER D 95 3.74 -15.00 19.04
CA SER D 95 2.69 -14.02 18.86
C SER D 95 1.45 -14.35 19.67
N ALA D 96 0.92 -13.37 20.43
CA ALA D 96 -0.40 -13.48 21.06
C ALA D 96 -1.47 -12.99 20.08
N PHE D 97 -2.68 -13.57 20.19
CA PHE D 97 -3.73 -13.29 19.26
C PHE D 97 -5.06 -13.58 19.92
N TYR D 98 -5.85 -12.53 20.17
CA TYR D 98 -7.16 -12.64 20.79
C TYR D 98 -7.86 -11.28 20.68
N PRO D 99 -9.21 -11.24 20.78
CA PRO D 99 -10.00 -10.00 20.59
C PRO D 99 -9.74 -8.99 21.68
N THR D 100 -9.77 -7.70 21.34
CA THR D 100 -9.76 -6.62 22.32
C THR D 100 -10.77 -5.58 21.85
N PRO D 101 -12.08 -5.83 22.08
CA PRO D 101 -13.13 -4.96 21.56
C PRO D 101 -12.98 -3.55 22.13
N LEU D 102 -13.31 -2.57 21.31
CA LEU D 102 -13.20 -1.17 21.68
C LEU D 102 -14.38 -0.77 22.52
N VAL D 103 -15.52 -1.46 22.34
CA VAL D 103 -16.72 -1.24 23.16
C VAL D 103 -17.05 -2.58 23.83
N GLN D 104 -16.91 -2.63 25.15
CA GLN D 104 -16.99 -3.91 25.89
C GLN D 104 -17.64 -3.69 27.25
N GLY D 113 -10.31 -12.17 30.84
CA GLY D 113 -10.42 -11.51 32.13
C GLY D 113 -9.15 -10.76 32.51
N LYS D 114 -8.45 -10.19 31.53
CA LYS D 114 -7.20 -9.44 31.79
C LYS D 114 -7.40 -7.92 31.71
N THR D 115 -6.57 -7.15 32.38
CA THR D 115 -6.70 -5.73 32.34
C THR D 115 -6.29 -5.31 30.93
N VAL D 116 -6.64 -4.09 30.55
CA VAL D 116 -6.22 -3.57 29.25
C VAL D 116 -4.68 -3.38 29.24
N GLU D 117 -4.07 -3.07 30.38
CA GLU D 117 -2.59 -2.91 30.37
C GLU D 117 -1.87 -4.25 30.10
N THR D 118 -2.50 -5.36 30.53
CA THR D 118 -1.98 -6.71 30.23
C THR D 118 -2.19 -7.08 28.75
N GLN D 119 -3.38 -6.78 28.22
CA GLN D 119 -3.61 -6.94 26.80
C GLN D 119 -2.59 -6.13 25.96
N VAL D 120 -2.37 -4.88 26.31
CA VAL D 120 -1.36 -4.08 25.58
C VAL D 120 -0.03 -4.81 25.69
N ALA D 121 0.40 -5.11 26.91
CA ALA D 121 1.71 -5.75 27.11
C ALA D 121 1.89 -7.05 26.30
N GLU D 122 0.85 -7.89 26.23
CA GLU D 122 0.96 -9.15 25.50
C GLU D 122 0.90 -9.02 23.98
N LEU D 123 -0.16 -8.38 23.48
CA LEU D 123 -0.36 -8.22 22.05
C LEU D 123 0.73 -7.31 21.42
N ILE D 124 1.05 -6.17 22.04
CA ILE D 124 2.09 -5.30 21.50
C ILE D 124 3.52 -5.81 21.84
N GLY D 125 3.71 -6.35 23.05
CA GLY D 125 5.04 -6.93 23.40
C GLY D 125 5.50 -8.06 22.48
N THR D 126 4.69 -9.11 22.38
CA THR D 126 5.06 -10.29 21.58
C THR D 126 5.17 -9.96 20.10
N ASN D 127 4.22 -9.17 19.59
CA ASN D 127 4.09 -8.99 18.15
C ASN D 127 4.99 -7.88 17.69
N ALA D 128 5.41 -7.00 18.58
CA ALA D 128 6.24 -5.86 18.13
C ALA D 128 7.43 -5.49 19.01
N ILE D 129 7.20 -5.31 20.30
CA ILE D 129 8.32 -4.85 21.17
C ILE D 129 9.40 -5.93 21.26
N ALA D 130 8.99 -7.16 21.48
CA ALA D 130 10.00 -8.26 21.59
C ALA D 130 10.75 -8.45 20.25
N PRO D 131 10.01 -8.48 19.14
CA PRO D 131 10.80 -8.40 17.92
C PRO D 131 11.82 -7.24 17.81
N PHE D 132 11.46 -6.04 18.25
CA PHE D 132 12.38 -4.91 18.20
C PHE D 132 13.60 -5.14 19.11
N LEU D 133 13.34 -5.59 20.33
CA LEU D 133 14.44 -5.88 21.31
C LEU D 133 15.38 -7.02 20.85
N LEU D 134 14.79 -8.10 20.36
CA LEU D 134 15.56 -9.21 19.77
C LEU D 134 16.42 -8.78 18.60
N THR D 135 15.84 -7.99 17.69
CA THR D 135 16.54 -7.42 16.57
C THR D 135 17.75 -6.60 17.07
N MET D 136 17.52 -5.79 18.11
CA MET D 136 18.57 -4.92 18.63
C MET D 136 19.72 -5.75 19.27
N SER D 137 19.36 -6.75 20.05
CA SER D 137 20.33 -7.67 20.68
C SER D 137 21.09 -8.47 19.62
N PHE D 138 20.35 -9.06 18.66
CA PHE D 138 20.92 -9.74 17.48
C PHE D 138 21.99 -8.85 16.83
N ALA D 139 21.60 -7.63 16.50
CA ALA D 139 22.51 -6.78 15.74
C ALA D 139 23.70 -6.41 16.58
N GLN D 140 23.44 -6.11 17.85
CA GLN D 140 24.48 -5.67 18.76
C GLN D 140 25.51 -6.78 18.91
N ARG D 141 25.06 -8.01 19.06
CA ARG D 141 26.00 -9.11 19.28
C ARG D 141 26.90 -9.43 18.10
N GLN D 142 26.65 -8.87 16.92
CA GLN D 142 27.47 -9.19 15.75
C GLN D 142 28.74 -8.33 15.77
N SER D 152 29.25 -15.35 5.67
CA SER D 152 28.15 -15.08 6.58
C SER D 152 27.00 -14.38 5.85
N ASN D 153 25.80 -14.87 6.12
CA ASN D 153 24.58 -14.41 5.49
C ASN D 153 23.59 -14.17 6.62
N LEU D 154 23.72 -13.00 7.24
CA LEU D 154 22.91 -12.66 8.43
C LEU D 154 21.56 -12.14 8.03
N SER D 155 20.47 -12.64 8.62
CA SER D 155 19.15 -12.05 8.31
C SER D 155 18.11 -12.31 9.41
N ILE D 156 17.05 -11.50 9.38
CA ILE D 156 15.94 -11.67 10.27
C ILE D 156 14.67 -11.88 9.49
N VAL D 157 13.78 -12.73 9.94
CA VAL D 157 12.52 -12.88 9.24
C VAL D 157 11.44 -12.68 10.32
N ASN D 158 10.51 -11.74 10.06
CA ASN D 158 9.40 -11.45 10.94
C ASN D 158 8.14 -12.09 10.42
N LEU D 159 7.39 -12.77 11.28
CA LEU D 159 6.07 -13.28 10.87
C LEU D 159 4.99 -12.20 11.01
N CYS D 160 4.49 -11.74 9.87
CA CYS D 160 3.58 -10.63 9.79
C CYS D 160 2.17 -11.21 9.57
N ASP D 161 1.29 -10.47 8.90
CA ASP D 161 -0.08 -10.94 8.72
C ASP D 161 -0.62 -10.36 7.39
N ALA D 162 -0.94 -11.24 6.44
CA ALA D 162 -1.40 -10.77 5.12
C ALA D 162 -2.68 -9.91 5.22
N MET D 163 -3.37 -10.01 6.36
CA MET D 163 -4.69 -9.40 6.47
C MET D 163 -4.70 -8.08 7.28
N VAL D 164 -3.54 -7.47 7.43
CA VAL D 164 -3.46 -6.32 8.35
C VAL D 164 -4.23 -5.11 7.87
N ASP D 165 -4.54 -5.05 6.57
CA ASP D 165 -5.32 -3.93 6.04
C ASP D 165 -6.80 -4.29 5.93
N GLN D 166 -7.14 -5.54 6.24
CA GLN D 166 -8.53 -5.99 6.19
C GLN D 166 -8.72 -6.81 7.47
N PRO D 167 -8.61 -6.14 8.64
CA PRO D 167 -8.45 -6.89 9.88
C PRO D 167 -9.70 -7.62 10.36
N CSX D 168 -9.50 -8.56 11.28
CA CSX D 168 -10.59 -9.23 12.01
CB CSX D 168 -10.03 -10.34 12.90
SG CSX D 168 -9.34 -11.70 12.07
C CSX D 168 -11.26 -8.16 12.85
O CSX D 168 -10.59 -7.29 13.44
OD CSX D 168 -10.50 -12.46 11.50
N MET D 169 -12.58 -8.18 12.92
CA MET D 169 -13.30 -7.19 13.74
C MET D 169 -12.95 -7.37 15.22
N ALA D 170 -12.79 -6.28 15.95
CA ALA D 170 -12.47 -6.33 17.40
C ALA D 170 -11.06 -6.78 17.80
N PHE D 171 -10.14 -6.79 16.82
CA PHE D 171 -8.75 -7.17 17.08
C PHE D 171 -7.79 -5.98 16.94
N SER D 172 -8.19 -4.81 17.43
CA SER D 172 -7.38 -3.62 17.23
CA SER D 172 -7.39 -3.58 17.29
C SER D 172 -5.95 -3.71 17.80
N LEU D 173 -5.79 -4.16 19.03
CA LEU D 173 -4.42 -4.26 19.58
C LEU D 173 -3.55 -5.24 18.82
N TYR D 174 -4.06 -6.43 18.52
CA TYR D 174 -3.31 -7.35 17.66
C TYR D 174 -2.93 -6.70 16.33
N ASN D 175 -3.89 -6.02 15.70
CA ASN D 175 -3.61 -5.47 14.36
C ASN D 175 -2.57 -4.38 14.48
N MET D 176 -2.65 -3.62 15.57
CA MET D 176 -1.67 -2.53 15.79
C MET D 176 -0.26 -3.13 15.93
N GLY D 177 -0.17 -4.24 16.65
CA GLY D 177 1.09 -4.95 16.86
C GLY D 177 1.66 -5.40 15.53
N LYS D 178 0.81 -5.99 14.69
CA LYS D 178 1.32 -6.48 13.38
C LYS D 178 1.71 -5.37 12.43
N HIS D 179 0.96 -4.27 12.49
CA HIS D 179 1.34 -3.10 11.74
C HIS D 179 2.70 -2.58 12.18
N ALA D 180 2.92 -2.45 13.50
CA ALA D 180 4.22 -2.07 14.04
C ALA D 180 5.34 -2.99 13.56
N LEU D 181 5.03 -4.27 13.47
CA LEU D 181 6.04 -5.26 12.97
C LEU D 181 6.42 -4.98 11.51
N VAL D 182 5.45 -4.51 10.72
CA VAL D 182 5.78 -4.10 9.34
C VAL D 182 6.75 -2.92 9.41
N GLY D 183 6.44 -1.93 10.24
CA GLY D 183 7.34 -0.78 10.42
C GLY D 183 8.72 -1.19 10.86
N LEU D 184 8.80 -2.05 11.89
CA LEU D 184 10.09 -2.62 12.31
C LEU D 184 10.87 -3.27 11.13
N THR D 185 10.19 -4.14 10.40
CA THR D 185 10.81 -4.82 9.22
C THR D 185 11.49 -3.75 8.29
N GLN D 186 10.76 -2.68 7.98
CA GLN D 186 11.30 -1.69 7.07
C GLN D 186 12.41 -0.88 7.75
N SER D 187 12.14 -0.39 8.96
CA SER D 187 13.09 0.42 9.67
C SER D 187 14.40 -0.37 9.92
N ALA D 188 14.28 -1.63 10.32
CA ALA D 188 15.49 -2.41 10.59
C ALA D 188 16.20 -2.80 9.29
N ALA D 189 15.44 -3.06 8.22
CA ALA D 189 16.06 -3.33 6.91
C ALA D 189 16.99 -2.16 6.53
N LEU D 190 16.45 -0.96 6.65
CA LEU D 190 17.17 0.23 6.27
C LEU D 190 18.41 0.48 7.16
N GLU D 191 18.24 0.40 8.47
CA GLU D 191 19.30 0.68 9.42
C GLU D 191 20.38 -0.40 9.46
N LEU D 192 20.01 -1.68 9.35
CA LEU D 192 20.99 -2.78 9.47
C LEU D 192 21.68 -3.20 8.16
N ALA D 193 21.20 -2.67 7.03
CA ALA D 193 21.76 -3.00 5.74
C ALA D 193 23.28 -2.73 5.68
N PRO D 194 23.75 -1.55 6.14
CA PRO D 194 25.20 -1.35 6.08
C PRO D 194 25.96 -2.32 6.99
N TYR D 195 25.27 -3.09 7.84
CA TYR D 195 25.93 -4.16 8.61
C TYR D 195 25.80 -5.55 7.97
N GLY D 196 25.15 -5.63 6.82
CA GLY D 196 25.06 -6.93 6.12
C GLY D 196 23.94 -7.79 6.66
N ILE D 197 23.05 -7.18 7.48
CA ILE D 197 21.91 -7.97 8.01
C ILE D 197 20.67 -7.58 7.22
N ARG D 198 19.98 -8.55 6.64
CA ARG D 198 18.80 -8.28 5.82
C ARG D 198 17.65 -8.56 6.76
N VAL D 199 16.50 -7.92 6.52
CA VAL D 199 15.33 -8.06 7.38
C VAL D 199 14.13 -8.10 6.50
N ASN D 200 13.37 -9.17 6.60
CA ASN D 200 12.29 -9.40 5.72
C ASN D 200 11.15 -10.01 6.51
N GLY D 201 10.02 -10.19 5.85
CA GLY D 201 8.90 -10.83 6.51
C GLY D 201 8.12 -11.82 5.69
N VAL D 202 7.35 -12.65 6.37
CA VAL D 202 6.50 -13.61 5.69
C VAL D 202 5.16 -13.33 6.30
N ALA D 203 4.14 -13.15 5.46
CA ALA D 203 2.81 -12.79 5.94
C ALA D 203 1.80 -13.88 5.59
N PRO D 204 1.48 -14.74 6.57
CA PRO D 204 0.43 -15.75 6.38
C PRO D 204 -0.93 -15.12 6.26
N GLY D 205 -1.84 -15.79 5.53
CA GLY D 205 -3.25 -15.47 5.57
C GLY D 205 -3.91 -16.31 6.65
N VAL D 206 -4.62 -17.35 6.25
CA VAL D 206 -4.97 -18.36 7.22
C VAL D 206 -4.03 -19.55 7.01
N SER D 207 -3.40 -19.97 8.10
CA SER D 207 -2.59 -21.20 8.12
C SER D 207 -3.27 -22.10 9.17
N LEU D 208 -2.54 -23.03 9.77
CA LEU D 208 -3.10 -23.88 10.85
C LEU D 208 -3.92 -23.01 11.80
N LEU D 209 -5.22 -23.29 11.88
CA LEU D 209 -6.14 -22.38 12.58
C LEU D 209 -6.15 -22.66 14.10
N PRO D 210 -6.44 -21.61 14.92
CA PRO D 210 -6.46 -21.78 16.38
C PRO D 210 -7.14 -23.07 16.80
N VAL D 211 -6.46 -23.80 17.70
CA VAL D 211 -6.99 -25.02 18.33
C VAL D 211 -8.37 -24.79 18.99
N ALA D 212 -8.52 -23.62 19.63
CA ALA D 212 -9.76 -23.25 20.33
C ALA D 212 -10.93 -22.92 19.39
N MET D 213 -10.64 -22.74 18.10
CA MET D 213 -11.66 -22.38 17.12
C MET D 213 -12.46 -23.63 16.68
N GLY D 214 -13.79 -23.51 16.65
CA GLY D 214 -14.68 -24.59 16.20
C GLY D 214 -14.51 -24.98 14.73
N GLU D 215 -15.22 -26.01 14.30
CA GLU D 215 -15.00 -26.59 12.96
C GLU D 215 -15.79 -25.97 11.80
N GLU D 216 -17.00 -25.48 12.05
CA GLU D 216 -17.75 -24.77 10.99
C GLU D 216 -17.07 -23.44 10.62
N GLU D 217 -16.54 -22.74 11.64
CA GLU D 217 -15.75 -21.50 11.48
C GLU D 217 -14.49 -21.71 10.63
N LYS D 218 -13.85 -22.86 10.77
CA LYS D 218 -12.70 -23.25 9.95
C LYS D 218 -13.03 -23.40 8.44
N ASP D 219 -14.13 -24.06 8.12
CA ASP D 219 -14.52 -24.25 6.72
C ASP D 219 -14.99 -22.93 6.11
N LYS D 220 -15.53 -22.08 6.97
CA LYS D 220 -15.98 -20.76 6.56
C LYS D 220 -14.75 -20.05 5.96
N TRP D 221 -13.66 -20.06 6.73
CA TRP D 221 -12.41 -19.44 6.33
C TRP D 221 -11.71 -20.13 5.18
N ARG D 222 -11.73 -21.47 5.19
CA ARG D 222 -11.13 -22.24 4.09
C ARG D 222 -11.85 -21.98 2.77
N ARG D 223 -13.17 -21.77 2.82
CA ARG D 223 -13.98 -21.42 1.63
C ARG D 223 -13.49 -20.17 0.91
N LYS D 224 -12.94 -19.22 1.67
CA LYS D 224 -12.55 -17.91 1.15
C LYS D 224 -11.26 -17.91 0.30
N VAL D 225 -10.40 -18.90 0.53
CA VAL D 225 -9.10 -18.92 -0.09
C VAL D 225 -9.21 -19.32 -1.57
N PRO D 226 -8.93 -18.36 -2.48
CA PRO D 226 -8.98 -18.69 -3.90
C PRO D 226 -8.11 -19.90 -4.29
N LEU D 227 -6.88 -19.96 -3.81
CA LEU D 227 -6.00 -21.05 -4.23
C LEU D 227 -6.31 -22.28 -3.41
N GLY D 228 -7.27 -23.07 -3.88
CA GLY D 228 -7.45 -24.41 -3.36
C GLY D 228 -8.36 -24.52 -2.17
N ARG D 229 -9.01 -23.43 -1.80
CA ARG D 229 -10.04 -23.44 -0.74
C ARG D 229 -9.57 -24.14 0.55
N ARG D 230 -8.31 -23.87 0.91
CA ARG D 230 -7.78 -24.35 2.17
C ARG D 230 -6.76 -23.35 2.72
N GLU D 231 -6.38 -23.55 4.00
CA GLU D 231 -5.31 -22.80 4.67
C GLU D 231 -3.91 -23.31 4.31
N ALA D 232 -2.89 -22.49 4.58
CA ALA D 232 -1.52 -22.93 4.40
C ALA D 232 -1.13 -24.00 5.43
N SER D 233 -0.39 -25.00 4.98
CA SER D 233 0.34 -25.86 5.92
C SER D 233 1.41 -24.98 6.58
N ALA D 234 1.89 -25.44 7.74
CA ALA D 234 2.94 -24.74 8.45
C ALA D 234 4.20 -24.79 7.60
N GLU D 235 4.34 -25.88 6.85
CA GLU D 235 5.48 -26.12 5.97
C GLU D 235 5.56 -25.10 4.82
N GLN D 236 4.42 -24.82 4.24
CA GLN D 236 4.34 -23.76 3.21
C GLN D 236 4.82 -22.39 3.71
N ILE D 237 4.41 -22.02 4.92
CA ILE D 237 4.96 -20.80 5.58
C ILE D 237 6.46 -20.89 5.77
N ALA D 238 6.93 -22.03 6.29
CA ALA D 238 8.35 -22.25 6.52
C ALA D 238 9.16 -22.14 5.23
N ASP D 239 8.60 -22.67 4.14
CA ASP D 239 9.28 -22.57 2.83
C ASP D 239 9.70 -21.14 2.47
N ALA D 240 8.83 -20.17 2.80
CA ALA D 240 9.08 -18.77 2.46
C ALA D 240 10.17 -18.21 3.36
N VAL D 241 10.14 -18.60 4.64
CA VAL D 241 11.22 -18.27 5.57
C VAL D 241 12.55 -18.78 5.05
N ILE D 242 12.58 -20.07 4.70
CA ILE D 242 13.77 -20.70 4.11
C ILE D 242 14.35 -19.92 2.92
N PHE D 243 13.47 -19.57 1.99
CA PHE D 243 13.93 -18.74 0.87
C PHE D 243 14.57 -17.44 1.35
N LEU D 244 13.89 -16.68 2.23
CA LEU D 244 14.42 -15.36 2.66
C LEU D 244 15.75 -15.41 3.39
N VAL D 245 15.96 -16.48 4.16
CA VAL D 245 17.29 -16.62 4.82
C VAL D 245 18.40 -17.12 3.89
N SER D 246 18.02 -17.79 2.79
CA SER D 246 18.94 -18.46 1.86
C SER D 246 19.81 -17.48 1.04
N GLY D 247 20.85 -18.00 0.39
CA GLY D 247 21.68 -17.21 -0.53
C GLY D 247 20.95 -16.78 -1.81
N SER D 248 19.79 -17.35 -2.09
CA SER D 248 18.95 -16.89 -3.22
C SER D 248 18.19 -15.61 -2.91
N ALA D 249 18.31 -15.09 -1.69
CA ALA D 249 17.62 -13.86 -1.32
C ALA D 249 18.61 -12.80 -0.87
N GLN D 250 19.84 -12.87 -1.37
CA GLN D 250 20.92 -11.96 -0.93
C GLN D 250 20.69 -10.51 -1.22
N TYR D 251 19.90 -10.17 -2.23
CA TYR D 251 19.65 -8.75 -2.54
C TYR D 251 18.27 -8.32 -1.97
N ILE D 252 17.58 -9.24 -1.31
CA ILE D 252 16.26 -8.97 -0.77
C ILE D 252 16.31 -8.40 0.68
N THR D 253 15.90 -7.15 0.87
CA THR D 253 15.72 -6.67 2.24
C THR D 253 14.56 -5.67 2.26
N GLY D 254 13.79 -5.69 3.36
CA GLY D 254 12.59 -4.86 3.53
C GLY D 254 11.36 -5.43 2.80
N SER D 255 11.38 -6.70 2.42
CA SER D 255 10.27 -7.23 1.62
C SER D 255 9.44 -8.11 2.48
N ILE D 256 8.13 -8.12 2.23
CA ILE D 256 7.25 -8.97 3.02
C ILE D 256 6.50 -9.84 2.04
N ILE D 257 6.73 -11.15 2.12
CA ILE D 257 6.16 -12.06 1.16
C ILE D 257 4.85 -12.57 1.70
N LYS D 258 3.75 -12.31 1.01
CA LYS D 258 2.45 -12.88 1.42
C LYS D 258 2.49 -14.31 1.02
N VAL D 259 1.94 -15.15 1.90
CA VAL D 259 1.80 -16.59 1.67
C VAL D 259 0.34 -16.91 2.08
N ASP D 260 -0.60 -16.44 1.28
CA ASP D 260 -2.01 -16.42 1.69
C ASP D 260 -3.01 -17.06 0.70
N GLY D 261 -2.48 -17.75 -0.33
CA GLY D 261 -3.30 -18.32 -1.45
C GLY D 261 -4.29 -17.33 -2.07
N GLY D 262 -3.96 -16.02 -2.05
CA GLY D 262 -4.83 -15.02 -2.66
C GLY D 262 -5.90 -14.45 -1.78
N LEU D 263 -5.92 -14.82 -0.50
CA LEU D 263 -7.01 -14.42 0.42
C LEU D 263 -7.13 -12.90 0.55
N SER D 264 -5.99 -12.19 0.64
CA SER D 264 -6.04 -10.75 0.81
C SER D 264 -6.61 -10.06 -0.46
N LEU D 265 -6.67 -10.78 -1.57
CA LEU D 265 -7.22 -10.19 -2.82
C LEU D 265 -8.74 -10.21 -2.91
N VAL D 266 -9.39 -10.91 -1.97
CA VAL D 266 -10.82 -11.20 -2.10
C VAL D 266 -11.64 -10.09 -1.44
N HIS D 267 -12.51 -9.43 -2.21
CA HIS D 267 -13.37 -8.36 -1.63
C HIS D 267 -14.41 -8.91 -0.67
N ALA D 268 -15.03 -8.02 0.12
CA ALA D 268 -16.06 -8.42 1.07
C ALA D 268 -17.23 -9.08 0.36
PA NAP E . -20.37 5.61 -14.99
O1A NAP E . -21.79 6.11 -14.86
O2A NAP E . -20.09 4.14 -15.10
O5B NAP E . -19.66 6.40 -16.21
C5B NAP E . -19.67 7.83 -16.24
C4B NAP E . -19.61 8.26 -17.70
O4B NAP E . -18.46 7.72 -18.36
C3B NAP E . -20.72 7.70 -18.59
O3B NAP E . -21.95 8.42 -18.39
C2B NAP E . -20.19 7.91 -20.00
O2B NAP E . -20.75 9.09 -20.64
C1B NAP E . -18.64 7.97 -19.76
N9A NAP E . -17.99 7.04 -20.71
C8A NAP E . -18.06 5.70 -20.74
N7A NAP E . -17.39 5.20 -21.81
C5A NAP E . -16.90 6.27 -22.51
C6A NAP E . -16.12 6.45 -23.75
N6A NAP E . -15.72 5.36 -24.45
N1A NAP E . -15.82 7.74 -24.15
C2A NAP E . -16.24 8.81 -23.42
N3A NAP E . -16.96 8.71 -22.27
C4A NAP E . -17.32 7.48 -21.79
O3 NAP E . -19.53 6.27 -13.78
PN NAP E . -20.12 6.45 -12.28
O1N NAP E . -20.84 7.79 -12.27
O2N NAP E . -20.78 5.19 -11.82
O5D NAP E . -18.68 6.61 -11.54
C5D NAP E . -17.92 7.84 -11.65
C4D NAP E . -16.42 7.53 -11.45
O4D NAP E . -16.19 6.89 -10.19
C3D NAP E . -15.84 6.59 -12.53
O3D NAP E . -14.49 6.96 -12.89
C2D NAP E . -15.86 5.23 -11.85
O2D NAP E . -14.91 4.33 -12.42
C1D NAP E . -15.56 5.61 -10.40
N1N NAP E . -16.13 4.60 -9.53
C2N NAP E . -17.49 4.49 -9.42
C3N NAP E . -18.06 3.50 -8.59
C7N NAP E . -19.56 3.36 -8.46
O7N NAP E . -19.97 2.67 -7.52
N7N NAP E . -20.37 3.95 -9.37
C4N NAP E . -17.22 2.63 -7.89
C5N NAP E . -15.83 2.79 -8.02
C6N NAP E . -15.29 3.78 -8.85
P2B NAP E . -22.07 9.06 -21.60
O1X NAP E . -22.16 10.53 -22.02
O2X NAP E . -23.17 8.49 -20.71
O3X NAP E . -21.78 8.14 -22.76
NAM 3KN F . -16.55 -0.04 -9.66
CAI 3KN F . -17.81 -0.37 -9.56
CAH 3KN F . -18.22 -1.25 -8.57
CAL 3KN F . -19.58 -1.58 -8.51
NAK 3KN F . -20.46 -0.98 -9.43
CAJ 3KN F . -20.02 -0.05 -10.43
CAG 3KN F . -18.67 0.26 -10.47
CAE 3KN F . -18.18 1.08 -11.41
SAA 3KN F . -19.04 1.89 -12.68
NAD 3KN F . -16.86 1.32 -11.55
NAC 3KN F . -16.51 2.13 -12.61
CAB 3KN F . -17.54 2.56 -13.36
NAF 3KN F . -17.41 3.36 -14.43
C ACT G . -28.40 11.86 -13.16
O ACT G . -28.98 12.29 -14.19
OXT ACT G . -27.89 10.72 -13.08
CH3 ACT G . -28.32 12.74 -11.97
PA NAP H . 5.14 17.87 18.20
O1A NAP H . 5.23 19.36 18.35
O2A NAP H . 6.38 17.00 17.99
O5B NAP H . 4.33 17.23 19.45
C5B NAP H . 2.96 17.55 19.68
C4B NAP H . 2.68 17.60 21.18
O4B NAP H . 2.59 16.27 21.67
C3B NAP H . 3.76 18.29 22.03
O3B NAP H . 3.55 19.71 22.07
C2B NAP H . 3.56 17.63 23.40
O2B NAP H . 2.81 18.40 24.39
C1B NAP H . 2.77 16.35 23.08
N9A NAP H . 3.51 15.24 23.72
C8A NAP H . 4.75 14.78 23.43
N7A NAP H . 5.11 13.79 24.28
C5A NAP H . 4.05 13.61 25.15
C6A NAP H . 3.75 12.73 26.31
N6A NAP H . 4.66 11.82 26.73
N1A NAP H . 2.52 12.87 26.93
C2A NAP H . 1.59 13.80 26.52
N3A NAP H . 1.81 14.63 25.46
C4A NAP H . 3.01 14.59 24.77
O3 NAP H . 4.02 17.57 17.06
PN NAP H . 3.79 18.43 15.73
O1N NAP H . 3.01 19.68 16.14
O2N NAP H . 5.11 18.59 14.97
O5D NAP H . 2.84 17.42 14.88
C5D NAP H . 1.53 17.00 15.30
C4D NAP H . 1.29 15.58 14.74
O4D NAP H . 1.70 15.47 13.35
C3D NAP H . 2.01 14.48 15.50
O3D NAP H . 1.19 13.27 15.73
C2D NAP H . 3.19 14.17 14.59
O2D NAP H . 3.67 12.83 14.79
C1D NAP H . 2.61 14.39 13.18
N1N NAP H . 3.63 14.70 12.18
C2N NAP H . 4.26 15.90 12.22
C3N NAP H . 5.24 16.19 11.27
C7N NAP H . 5.94 17.53 11.28
O7N NAP H . 6.64 17.79 10.30
N7N NAP H . 5.79 18.38 12.33
C4N NAP H . 5.57 15.23 10.31
C5N NAP H . 4.91 14.00 10.30
C6N NAP H . 3.93 13.75 11.25
P2B NAP H . 3.43 19.48 25.46
O1X NAP H . 2.16 20.02 26.10
O2X NAP H . 4.16 20.45 24.55
O3X NAP H . 4.30 18.71 26.44
NAM 3KN I . 8.10 13.35 11.41
CAI 3KN I . 8.84 14.45 11.46
CAH 3KN I . 9.75 14.75 10.44
CAL 3KN I . 10.50 15.92 10.55
NAK 3KN I . 10.32 16.76 11.67
CAJ 3KN I . 9.39 16.44 12.70
CAG 3KN I . 8.62 15.28 12.58
CAE 3KN I . 7.77 14.91 13.54
SAA 3KN I . 7.52 15.64 15.01
NAD 3KN I . 6.99 13.82 13.48
NAC 3KN I . 6.22 13.59 14.61
CAB 3KN I . 6.40 14.51 15.56
NAF 3KN I . 5.78 14.51 16.73
PA NAP J . 15.12 -4.44 -20.76
O1A NAP J . 16.57 -4.65 -21.10
O2A NAP J . 14.59 -3.03 -20.53
O5B NAP J . 14.20 -5.12 -21.90
C5B NAP J . 14.00 -6.53 -21.90
C4B NAP J . 13.62 -7.00 -23.30
O4B NAP J . 12.26 -6.67 -23.59
C3B NAP J . 14.42 -6.33 -24.43
O3B NAP J . 15.74 -6.83 -24.58
C2B NAP J . 13.52 -6.54 -25.66
O2B NAP J . 13.83 -7.68 -26.49
C1B NAP J . 12.13 -6.69 -25.02
N9A NAP J . 11.27 -5.63 -25.59
C8A NAP J . 11.33 -4.30 -25.37
N7A NAP J . 10.41 -3.64 -26.13
C5A NAP J . 9.75 -4.57 -26.86
C6A NAP J . 8.67 -4.59 -27.88
N6A NAP J . 8.05 -3.46 -28.30
N1A NAP J . 8.32 -5.80 -28.39
C2A NAP J . 8.91 -6.96 -28.01
N3A NAP J . 9.90 -7.01 -27.11
C4A NAP J . 10.35 -5.88 -26.51
O3 NAP J . 14.78 -5.41 -19.49
PN NAP J . 15.76 -5.69 -18.23
O1N NAP J . 16.55 -6.92 -18.50
O2N NAP J . 16.44 -4.37 -17.93
O5D NAP J . 14.68 -6.07 -17.06
C5D NAP J . 13.62 -7.02 -17.28
C4D NAP J . 12.39 -6.63 -16.44
O4D NAP J . 12.75 -6.05 -15.17
C3D NAP J . 11.54 -5.60 -17.16
O3D NAP J . 10.15 -5.94 -17.17
C2D NAP J . 11.75 -4.32 -16.38
O2D NAP J . 10.62 -3.45 -16.46
C1D NAP J . 12.09 -4.79 -14.98
N1N NAP J . 12.96 -3.83 -14.26
C2N NAP J . 14.28 -3.75 -14.55
C3N NAP J . 15.09 -2.83 -13.90
C7N NAP J . 16.57 -2.71 -14.18
O7N NAP J . 17.25 -2.28 -13.28
N7N NAP J . 17.09 -3.06 -15.36
C4N NAP J . 14.52 -2.01 -12.94
C5N NAP J . 13.15 -2.11 -12.64
C6N NAP J . 12.39 -3.04 -13.32
P2B NAP J . 14.66 -7.66 -27.88
O1X NAP J . 15.99 -7.14 -27.35
O2X NAP J . 14.03 -6.73 -28.87
O3X NAP J . 14.62 -9.09 -28.33
NAM 3KN K . 13.38 1.00 -14.04
CAI 3KN K . 14.66 1.29 -14.22
CAH 3KN K . 15.37 2.12 -13.35
CAL 3KN K . 16.71 2.36 -13.63
NAK 3KN K . 17.31 1.75 -14.74
CAJ 3KN K . 16.58 0.90 -15.59
CAG 3KN K . 15.24 0.68 -15.31
CAE 3KN K . 14.47 -0.07 -16.09
SAA 3KN K . 14.87 -0.72 -17.54
NAD 3KN K . 13.21 -0.37 -15.78
NAC 3KN K . 12.58 -1.11 -16.71
CAB 3KN K . 13.35 -1.41 -17.75
NAF 3KN K . 12.94 -2.15 -18.79
C ACT L . 15.37 -22.80 -32.62
O ACT L . 14.25 -22.33 -32.32
OXT ACT L . 15.46 -23.94 -33.12
CH3 ACT L . 16.59 -21.95 -32.38
C1 GOL M . -4.37 0.68 -25.88
O1 GOL M . -5.22 1.14 -26.93
C2 GOL M . -2.88 0.88 -26.22
O2 GOL M . -2.06 0.17 -25.28
C3 GOL M . -2.50 0.37 -27.60
O3 GOL M . -2.59 1.35 -28.63
PA NAP N . 0.53 -19.25 17.46
O1A NAP N . 0.51 -20.76 17.48
O2A NAP N . -0.75 -18.45 17.66
O5B NAP N . 1.67 -18.68 18.44
C5B NAP N . 3.01 -19.12 18.27
C4B NAP N . 3.67 -19.17 19.65
O4B NAP N . 3.80 -17.86 20.19
C3B NAP N . 2.87 -19.93 20.72
O3B NAP N . 3.07 -21.35 20.59
C2B NAP N . 3.39 -19.36 22.04
O2B NAP N . 4.34 -20.17 22.75
C1B NAP N . 4.09 -18.05 21.58
N9A NAP N . 3.59 -17.00 22.48
C8A NAP N . 2.32 -16.55 22.63
N7A NAP N . 2.27 -15.62 23.63
C5A NAP N . 3.55 -15.47 24.12
C6A NAP N . 4.23 -14.65 25.17
N6A NAP N . 3.60 -13.76 25.97
N1A NAP N . 5.57 -14.83 25.33
C2A NAP N . 6.27 -15.73 24.57
N3A NAP N . 5.70 -16.50 23.61
C4A NAP N . 4.39 -16.40 23.35
O3 NAP N . 1.19 -18.77 16.07
PN NAP N . 0.96 -19.51 14.68
O1N NAP N . 1.89 -20.74 14.71
O2N NAP N . -0.53 -19.66 14.52
O5D NAP N . 1.59 -18.44 13.63
C5D NAP N . 3.00 -18.10 13.71
C4D NAP N . 3.16 -16.64 13.25
O4D NAP N . 2.39 -16.41 12.06
C3D NAP N . 2.66 -15.63 14.28
O3D NAP N . 3.50 -14.47 14.31
C2D NAP N . 1.30 -15.21 13.80
O2D NAP N . 0.95 -13.88 14.24
C1D NAP N . 1.46 -15.33 12.28
N1N NAP N . 0.18 -15.59 11.62
C2N NAP N . -0.44 -16.79 11.72
C3N NAP N . -1.65 -17.00 11.05
C7N NAP N . -2.41 -18.31 11.15
O7N NAP N . -3.36 -18.53 10.39
N7N NAP N . -2.01 -19.18 12.14
C4N NAP N . -2.18 -15.96 10.29
C5N NAP N . -1.51 -14.74 10.20
C6N NAP N . -0.31 -14.57 10.88
P2B NAP N . 4.04 -21.37 23.84
O1X NAP N . 5.43 -21.91 24.10
O2X NAP N . 3.12 -22.29 23.07
O3X NAP N . 3.45 -20.75 25.07
NAM 3KN O . -4.21 -14.02 12.32
CAI 3KN O . -4.94 -15.11 12.36
CAH 3KN O . -6.04 -15.28 11.52
CAL 3KN O . -6.77 -16.45 11.59
NAK 3KN O . -6.36 -17.43 12.51
CAJ 3KN O . -5.23 -17.26 13.35
CAG 3KN O . -4.51 -16.09 13.26
CAE 3KN O . -3.44 -15.85 14.02
SAA 3KN O . -2.77 -16.82 15.22
NAD 3KN O . -2.72 -14.72 13.94
NAC 3KN O . -1.69 -14.60 14.74
CAB 3KN O . -1.52 -15.64 15.57
NAF 3KN O . -0.54 -15.72 16.48
C1 GOL P . 15.17 -23.38 -1.20
O1 GOL P . 16.59 -23.18 -1.39
C2 GOL P . 14.54 -22.05 -0.74
O2 GOL P . 15.21 -21.01 -1.45
C3 GOL P . 13.01 -21.97 -0.94
O3 GOL P . 12.23 -22.41 0.21
#